data_8PEH
#
_entry.id   8PEH
#
_cell.length_a   144.870
_cell.length_b   77.960
_cell.length_c   101.400
_cell.angle_alpha   90.000
_cell.angle_beta   90.150
_cell.angle_gamma   90.000
#
_symmetry.space_group_name_H-M   'C 1 2 1'
#
loop_
_entity.id
_entity.type
_entity.pdbx_description
1 polymer 'Receptor-like kinase SYMRK'
2 non-polymer 'SULFATE ION'
3 non-polymer 1,2-ETHANEDIOL
4 water water
#
_entity_poly.entity_id   1
_entity_poly.type   'polypeptide(L)'
_entity_poly.pdbx_seq_one_letter_code
;SVSIQAFTLEYIEVATERYKTLIGEGGFGSVYRGTLNDGQEVAVKVRSATSTQGTREFDNELNLLSAIQHENLVPLLGYC
NESDQQILVYPFMSNGSLQDRLYGEPAKRKILDWPTRLSIALGAARGLAYLHTFPGRSVIHRDIKSSNILLDHSM(CME)
AKVANFGFSKYAPQEGDSYVSLEVRGTAGYLDPEYYKTQQLSEKSDVFSFGVVLLEIVSGREPLNIKRPRTEWSLVEWAT
PYIRGSKVDEIVDPGIKGGYHAEAMWRVVEVALQCLEPFSTYRPSMVAIVRELEDALIIENNAS
;
_entity_poly.pdbx_strand_id   B,C,A
#
loop_
_chem_comp.id
_chem_comp.type
_chem_comp.name
_chem_comp.formula
EDO non-polymer 1,2-ETHANEDIOL 'C2 H6 O2'
SO4 non-polymer 'SULFATE ION' 'O4 S -2'
#
# COMPACT_ATOMS: atom_id res chain seq x y z
N SER A 3 15.16 20.55 -33.41
CA SER A 3 15.32 21.71 -32.55
C SER A 3 14.00 22.08 -31.87
N ILE A 4 14.10 22.91 -30.82
CA ILE A 4 12.92 23.32 -30.06
C ILE A 4 12.03 24.19 -30.95
N GLN A 5 10.71 24.01 -30.80
CA GLN A 5 9.72 24.69 -31.64
C GLN A 5 8.91 25.68 -30.82
N ALA A 6 8.64 26.84 -31.40
CA ALA A 6 7.69 27.78 -30.82
C ALA A 6 6.30 27.50 -31.41
N PHE A 7 5.30 27.44 -30.54
CA PHE A 7 3.92 27.16 -30.95
C PHE A 7 3.04 28.36 -30.61
N THR A 8 2.06 28.65 -31.48
CA THR A 8 1.06 29.64 -31.13
C THR A 8 0.04 29.03 -30.17
N LEU A 9 -0.63 29.91 -29.42
CA LEU A 9 -1.68 29.45 -28.52
C LEU A 9 -2.82 28.76 -29.28
N GLU A 10 -3.03 29.16 -30.53
CA GLU A 10 -4.02 28.47 -31.38
C GLU A 10 -3.59 27.04 -31.67
N TYR A 11 -2.33 26.84 -32.07
CA TYR A 11 -1.83 25.50 -32.32
C TYR A 11 -2.03 24.62 -31.09
N ILE A 12 -1.72 25.14 -29.90
CA ILE A 12 -1.89 24.36 -28.68
C ILE A 12 -3.36 24.07 -28.43
N GLU A 13 -4.25 24.97 -28.88
CA GLU A 13 -5.67 24.73 -28.68
C GLU A 13 -6.15 23.53 -29.50
N VAL A 14 -5.75 23.46 -30.77
CA VAL A 14 -6.09 22.32 -31.62
C VAL A 14 -5.40 21.05 -31.11
N ALA A 15 -4.13 21.16 -30.75
CA ALA A 15 -3.35 19.99 -30.35
C ALA A 15 -3.93 19.34 -29.10
N THR A 16 -4.42 20.15 -28.16
CA THR A 16 -5.03 19.63 -26.94
C THR A 16 -6.53 19.49 -27.03
N GLU A 17 -7.14 19.91 -28.14
CA GLU A 17 -8.58 19.86 -28.33
C GLU A 17 -9.31 20.56 -27.18
N ARG A 18 -9.03 21.86 -27.05
CA ARG A 18 -9.62 22.71 -26.02
C ARG A 18 -9.21 22.26 -24.61
N TYR A 19 -7.99 21.75 -24.47
CA TYR A 19 -7.46 21.30 -23.19
C TYR A 19 -8.40 20.29 -22.52
N LYS A 20 -8.87 19.32 -23.30
CA LYS A 20 -9.92 18.42 -22.82
C LYS A 20 -9.38 17.38 -21.85
N THR A 21 -8.18 16.84 -22.11
CA THR A 21 -7.68 15.65 -21.41
C THR A 21 -6.58 16.06 -20.43
N LEU A 22 -6.90 16.06 -19.15
CA LEU A 22 -5.98 16.50 -18.11
C LEU A 22 -5.25 15.30 -17.52
N ILE A 23 -3.93 15.44 -17.34
CA ILE A 23 -3.09 14.36 -16.85
C ILE A 23 -2.75 14.60 -15.38
N GLY A 24 -2.65 15.86 -14.98
CA GLY A 24 -2.36 16.17 -13.60
C GLY A 24 -2.07 17.65 -13.43
N GLU A 25 -1.50 17.98 -12.28
CA GLU A 25 -1.06 19.33 -11.96
C GLU A 25 0.36 19.30 -11.44
N GLY A 26 1.17 20.26 -11.88
CA GLY A 26 2.55 20.33 -11.45
C GLY A 26 2.95 21.70 -10.94
N GLY A 27 4.25 21.90 -10.76
CA GLY A 27 4.77 23.21 -10.38
C GLY A 27 4.37 24.26 -11.38
N PHE A 28 4.73 24.06 -12.65
CA PHE A 28 4.43 25.03 -13.70
C PHE A 28 2.93 25.18 -13.94
N GLY A 29 2.13 24.16 -13.64
CA GLY A 29 0.68 24.25 -13.78
C GLY A 29 0.08 22.88 -14.09
N SER A 30 -1.07 22.92 -14.77
CA SER A 30 -1.76 21.70 -15.16
C SER A 30 -1.19 21.16 -16.48
N VAL A 31 -1.12 19.84 -16.58
CA VAL A 31 -0.58 19.17 -17.76
C VAL A 31 -1.75 18.51 -18.49
N TYR A 32 -1.82 18.74 -19.80
CA TYR A 32 -2.85 18.16 -20.66
C TYR A 32 -2.21 17.30 -21.75
N ARG A 33 -2.97 16.35 -22.25
CA ARG A 33 -2.51 15.48 -23.32
C ARG A 33 -2.82 16.11 -24.66
N GLY A 34 -1.88 16.00 -25.59
CA GLY A 34 -2.04 16.61 -26.89
C GLY A 34 -1.43 15.79 -28.01
N THR A 35 -1.58 16.29 -29.22
CA THR A 35 -1.04 15.65 -30.42
C THR A 35 -0.62 16.72 -31.41
N LEU A 36 0.62 16.66 -31.86
CA LEU A 36 1.16 17.62 -32.83
C LEU A 36 0.69 17.25 -34.24
N ASN A 37 0.96 18.17 -35.18
CA ASN A 37 0.55 17.96 -36.57
C ASN A 37 1.18 16.70 -37.16
N ASP A 38 2.40 16.36 -36.73
CA ASP A 38 3.08 15.16 -37.20
C ASP A 38 2.62 13.90 -36.47
N GLY A 39 1.59 13.99 -35.63
CA GLY A 39 1.09 12.84 -34.91
C GLY A 39 1.84 12.49 -33.64
N GLN A 40 2.81 13.31 -33.24
N GLN A 40 2.83 13.29 -33.25
CA GLN A 40 3.57 13.02 -32.03
CA GLN A 40 3.57 13.02 -32.03
C GLN A 40 2.74 13.34 -30.78
C GLN A 40 2.71 13.32 -30.81
N GLU A 41 2.62 12.35 -29.90
CA GLU A 41 1.87 12.53 -28.67
C GLU A 41 2.68 13.38 -27.70
N VAL A 42 2.04 14.37 -27.09
CA VAL A 42 2.76 15.30 -26.23
C VAL A 42 2.03 15.45 -24.90
N ALA A 43 2.78 15.90 -23.91
CA ALA A 43 2.26 16.35 -22.63
C ALA A 43 2.41 17.87 -22.61
N VAL A 44 1.30 18.58 -22.39
CA VAL A 44 1.25 20.02 -22.53
C VAL A 44 1.08 20.63 -21.13
N LYS A 45 2.11 21.33 -20.67
CA LYS A 45 2.14 21.94 -19.34
C LYS A 45 1.82 23.43 -19.47
N VAL A 46 0.77 23.88 -18.80
CA VAL A 46 0.31 25.26 -18.95
C VAL A 46 0.56 26.05 -17.67
N ARG A 47 0.30 27.35 -17.75
CA ARG A 47 0.72 28.30 -16.72
C ARG A 47 -0.02 28.10 -15.41
N SER A 48 0.74 28.01 -14.31
CA SER A 48 0.22 28.15 -12.95
C SER A 48 0.58 29.53 -12.42
N ALA A 49 -0.40 30.21 -11.81
CA ALA A 49 -0.19 31.59 -11.38
C ALA A 49 0.97 31.72 -10.39
N THR A 50 1.06 30.80 -9.43
CA THR A 50 2.09 30.95 -8.40
C THR A 50 3.49 30.69 -8.94
N SER A 51 3.63 29.79 -9.93
CA SER A 51 4.91 29.47 -10.53
C SER A 51 5.13 30.16 -11.87
N THR A 52 4.62 31.37 -12.02
CA THR A 52 4.85 32.18 -13.21
C THR A 52 5.01 33.63 -12.81
N GLN A 53 5.84 34.35 -13.56
CA GLN A 53 5.92 35.79 -13.40
C GLN A 53 5.64 36.46 -14.75
N GLY A 54 6.67 36.60 -15.57
CA GLY A 54 6.51 37.29 -16.82
C GLY A 54 7.39 36.77 -17.93
N THR A 55 7.56 37.58 -18.98
CA THR A 55 8.32 37.14 -20.15
C THR A 55 9.80 36.95 -19.82
N ARG A 56 10.39 37.90 -19.07
CA ARG A 56 11.82 37.84 -18.80
C ARG A 56 12.20 36.63 -17.98
N GLU A 57 11.40 36.28 -16.96
CA GLU A 57 11.71 35.15 -16.12
C GLU A 57 11.55 33.83 -16.89
N PHE A 58 10.48 33.72 -17.68
CA PHE A 58 10.27 32.52 -18.48
C PHE A 58 11.36 32.33 -19.54
N ASP A 59 12.08 33.39 -19.89
CA ASP A 59 13.08 33.30 -20.96
C ASP A 59 14.33 32.55 -20.48
N ASN A 60 14.78 32.80 -19.25
CA ASN A 60 15.94 32.08 -18.73
C ASN A 60 15.61 30.62 -18.45
N GLU A 61 14.44 30.36 -17.87
CA GLU A 61 13.99 28.99 -17.69
C GLU A 61 13.96 28.26 -19.03
N LEU A 62 13.52 28.94 -20.09
CA LEU A 62 13.42 28.32 -21.41
C LEU A 62 14.81 28.03 -21.98
N ASN A 63 15.76 28.96 -21.80
CA ASN A 63 17.12 28.72 -22.28
C ASN A 63 17.75 27.54 -21.56
N LEU A 64 17.47 27.40 -20.26
CA LEU A 64 18.00 26.26 -19.51
C LEU A 64 17.42 24.94 -20.01
N LEU A 65 16.09 24.83 -20.05
CA LEU A 65 15.45 23.56 -20.41
C LEU A 65 15.83 23.13 -21.82
N SER A 66 16.07 24.08 -22.72
CA SER A 66 16.44 23.72 -24.09
C SER A 66 17.83 23.11 -24.14
N ALA A 67 18.73 23.57 -23.28
CA ALA A 67 20.12 23.11 -23.30
C ALA A 67 20.31 21.77 -22.58
N ILE A 68 19.38 21.40 -21.72
CA ILE A 68 19.44 20.14 -20.98
C ILE A 68 19.04 19.01 -21.93
N GLN A 69 20.02 18.20 -22.33
CA GLN A 69 19.83 17.11 -23.28
C GLN A 69 20.52 15.87 -22.73
N HIS A 70 19.74 14.83 -22.47
CA HIS A 70 20.33 13.58 -22.00
C HIS A 70 19.28 12.48 -22.17
N GLU A 71 19.76 11.28 -22.47
CA GLU A 71 18.89 10.17 -22.80
C GLU A 71 17.99 9.77 -21.64
N ASN A 72 18.36 10.11 -20.39
CA ASN A 72 17.52 9.80 -19.24
C ASN A 72 16.83 11.04 -18.65
N LEU A 73 16.63 12.08 -19.45
CA LEU A 73 15.80 13.23 -19.09
C LEU A 73 14.76 13.44 -20.17
N VAL A 74 13.53 13.74 -19.77
CA VAL A 74 12.48 14.04 -20.75
C VAL A 74 12.90 15.33 -21.47
N PRO A 75 13.01 15.31 -22.80
CA PRO A 75 13.43 16.50 -23.53
C PRO A 75 12.29 17.48 -23.70
N LEU A 76 12.62 18.77 -23.70
CA LEU A 76 11.65 19.81 -24.02
C LEU A 76 11.47 19.87 -25.53
N LEU A 77 10.24 19.69 -26.01
CA LEU A 77 10.00 19.73 -27.46
C LEU A 77 9.63 21.12 -27.96
N GLY A 78 8.96 21.92 -27.14
CA GLY A 78 8.51 23.21 -27.62
C GLY A 78 7.94 24.03 -26.50
N TYR A 79 7.47 25.22 -26.86
CA TYR A 79 6.99 26.18 -25.88
C TYR A 79 5.98 27.11 -26.53
N CYS A 80 5.15 27.72 -25.69
CA CYS A 80 4.25 28.78 -26.14
C CYS A 80 4.25 29.87 -25.08
N ASN A 81 4.52 31.10 -25.51
CA ASN A 81 4.36 32.28 -24.66
C ASN A 81 3.62 33.32 -25.48
N GLU A 82 2.31 33.39 -25.26
CA GLU A 82 1.43 34.22 -26.08
C GLU A 82 0.19 34.51 -25.26
N SER A 83 -0.26 35.77 -25.29
CA SER A 83 -1.47 36.20 -24.60
C SER A 83 -1.45 35.83 -23.12
N ASP A 84 -0.28 35.97 -22.50
CA ASP A 84 -0.04 35.75 -21.07
C ASP A 84 -0.11 34.28 -20.67
N GLN A 85 -0.15 33.37 -21.64
CA GLN A 85 -0.14 31.94 -21.34
C GLN A 85 1.27 31.41 -21.58
N GLN A 86 1.88 30.85 -20.53
CA GLN A 86 3.18 30.19 -20.65
C GLN A 86 2.96 28.69 -20.69
N ILE A 87 3.48 28.04 -21.72
CA ILE A 87 3.21 26.63 -21.99
C ILE A 87 4.52 25.93 -22.35
N LEU A 88 4.71 24.75 -21.78
CA LEU A 88 5.85 23.89 -22.07
C LEU A 88 5.34 22.58 -22.65
N VAL A 89 5.98 22.10 -23.72
CA VAL A 89 5.52 20.93 -24.46
C VAL A 89 6.60 19.86 -24.42
N TYR A 90 6.24 18.69 -23.89
CA TYR A 90 7.13 17.55 -23.72
C TYR A 90 6.57 16.34 -24.47
N PRO A 91 7.44 15.38 -24.85
CA PRO A 91 6.90 14.13 -25.43
C PRO A 91 6.10 13.39 -24.39
N PHE A 92 5.04 12.73 -24.85
CA PHE A 92 4.24 11.88 -23.99
C PHE A 92 4.97 10.57 -23.74
N MET A 93 5.13 10.21 -22.47
CA MET A 93 5.77 8.95 -22.08
C MET A 93 4.68 7.91 -21.86
N SER A 94 4.59 6.95 -22.79
CA SER A 94 3.42 6.09 -22.87
C SER A 94 3.34 5.08 -21.74
N ASN A 95 4.44 4.78 -21.05
CA ASN A 95 4.39 3.81 -19.96
C ASN A 95 4.21 4.44 -18.59
N GLY A 96 4.02 5.77 -18.52
CA GLY A 96 3.67 6.42 -17.27
C GLY A 96 4.87 6.62 -16.36
N SER A 97 4.57 6.80 -15.08
CA SER A 97 5.61 7.01 -14.08
C SER A 97 6.02 5.70 -13.43
N LEU A 98 7.18 5.74 -12.78
CA LEU A 98 7.65 4.61 -11.98
C LEU A 98 6.72 4.36 -10.80
N GLN A 99 6.21 5.44 -10.20
CA GLN A 99 5.22 5.31 -9.14
C GLN A 99 4.04 4.46 -9.58
N ASP A 100 3.47 4.76 -10.76
CA ASP A 100 2.34 3.97 -11.27
C ASP A 100 2.70 2.49 -11.37
N ARG A 101 3.90 2.19 -11.87
CA ARG A 101 4.28 0.80 -12.09
C ARG A 101 4.57 0.06 -10.78
N LEU A 102 4.96 0.78 -9.73
CA LEU A 102 5.28 0.14 -8.46
C LEU A 102 4.03 -0.14 -7.65
N TYR A 103 3.17 0.86 -7.49
CA TYR A 103 2.00 0.64 -6.63
C TYR A 103 0.80 1.45 -7.10
N GLY A 104 0.77 1.86 -8.35
CA GLY A 104 -0.43 2.45 -8.95
C GLY A 104 -1.32 1.40 -9.58
N GLU A 105 -2.09 1.83 -10.57
CA GLU A 105 -3.05 0.96 -11.24
C GLU A 105 -2.37 -0.10 -12.12
N PRO A 106 -1.32 0.23 -12.89
CA PRO A 106 -0.65 -0.84 -13.67
C PRO A 106 -0.02 -1.92 -12.81
N ALA A 107 0.40 -1.59 -11.58
CA ALA A 107 0.95 -2.60 -10.69
C ALA A 107 -0.10 -3.61 -10.25
N LYS A 108 -1.39 -3.28 -10.38
CA LYS A 108 -2.42 -4.28 -10.12
C LYS A 108 -2.44 -5.34 -11.22
N ARG A 109 -2.15 -4.96 -12.46
CA ARG A 109 -2.25 -5.86 -13.59
C ARG A 109 -0.96 -6.64 -13.83
N LYS A 110 0.19 -6.03 -13.59
CA LYS A 110 1.47 -6.67 -13.87
C LYS A 110 2.53 -6.17 -12.89
N ILE A 111 3.57 -6.98 -12.73
CA ILE A 111 4.64 -6.72 -11.78
C ILE A 111 5.86 -6.22 -12.54
N LEU A 112 6.48 -5.16 -12.05
CA LEU A 112 7.77 -4.71 -12.57
C LEU A 112 8.84 -5.65 -12.04
N ASP A 113 9.50 -6.39 -12.93
CA ASP A 113 10.50 -7.32 -12.43
C ASP A 113 11.75 -6.57 -11.96
N TRP A 114 12.57 -7.27 -11.19
CA TRP A 114 13.71 -6.61 -10.58
C TRP A 114 14.75 -6.14 -11.60
N PRO A 115 15.10 -6.91 -12.65
CA PRO A 115 16.07 -6.37 -13.63
C PRO A 115 15.60 -5.07 -14.29
N THR A 116 14.33 -4.97 -14.65
CA THR A 116 13.79 -3.70 -15.14
C THR A 116 13.84 -2.61 -14.08
N ARG A 117 13.54 -2.94 -12.82
CA ARG A 117 13.65 -1.95 -11.74
C ARG A 117 15.08 -1.43 -11.59
N LEU A 118 16.05 -2.33 -11.66
CA LEU A 118 17.44 -1.90 -11.47
C LEU A 118 17.90 -1.04 -12.64
N SER A 119 17.46 -1.37 -13.85
CA SER A 119 17.80 -0.57 -15.02
C SER A 119 17.15 0.81 -14.96
N ILE A 120 15.96 0.89 -14.35
CA ILE A 120 15.29 2.17 -14.17
C ILE A 120 16.04 3.02 -13.15
N ALA A 121 16.48 2.41 -12.05
CA ALA A 121 17.24 3.17 -11.06
C ALA A 121 18.53 3.72 -11.66
N LEU A 122 19.25 2.90 -12.43
CA LEU A 122 20.48 3.37 -13.06
C LEU A 122 20.22 4.53 -14.02
N GLY A 123 19.22 4.40 -14.88
CA GLY A 123 18.93 5.48 -15.81
C GLY A 123 18.50 6.76 -15.11
N ALA A 124 17.66 6.64 -14.10
CA ALA A 124 17.25 7.83 -13.33
C ALA A 124 18.47 8.47 -12.66
N ALA A 125 19.36 7.64 -12.10
CA ALA A 125 20.57 8.17 -11.48
C ALA A 125 21.46 8.86 -12.50
N ARG A 126 21.52 8.33 -13.73
CA ARG A 126 22.31 8.98 -14.78
C ARG A 126 21.73 10.31 -15.19
N GLY A 127 20.41 10.41 -15.27
CA GLY A 127 19.81 11.71 -15.58
C GLY A 127 20.09 12.74 -14.51
N LEU A 128 19.96 12.33 -13.24
CA LEU A 128 20.24 13.23 -12.11
C LEU A 128 21.72 13.62 -12.05
N ALA A 129 22.64 12.68 -12.30
CA ALA A 129 24.06 13.03 -12.36
C ALA A 129 24.35 14.04 -13.47
N TYR A 130 23.73 13.86 -14.64
CA TYR A 130 23.90 14.85 -15.70
C TYR A 130 23.46 16.24 -15.23
N LEU A 131 22.36 16.31 -14.48
CA LEU A 131 21.92 17.60 -13.97
C LEU A 131 22.94 18.18 -12.99
N HIS A 132 23.45 17.35 -12.07
CA HIS A 132 24.36 17.86 -11.05
C HIS A 132 25.72 18.25 -11.65
N THR A 133 26.10 17.69 -12.78
CA THR A 133 27.36 18.04 -13.43
C THR A 133 27.15 18.92 -14.67
N PHE A 134 25.98 19.51 -14.82
CA PHE A 134 25.67 20.31 -16.01
C PHE A 134 26.71 21.43 -16.19
N PRO A 135 27.31 21.55 -17.39
CA PRO A 135 28.39 22.52 -17.58
C PRO A 135 27.96 23.94 -17.30
N GLY A 136 28.82 24.68 -16.61
CA GLY A 136 28.52 26.05 -16.24
C GLY A 136 27.97 26.14 -14.83
N ARG A 137 26.80 25.54 -14.60
CA ARG A 137 26.14 25.62 -13.31
C ARG A 137 25.33 24.36 -13.08
N SER A 138 25.59 23.70 -11.96
CA SER A 138 24.81 22.53 -11.58
C SER A 138 23.34 22.89 -11.45
N VAL A 139 22.48 21.98 -11.91
CA VAL A 139 21.04 22.12 -11.83
C VAL A 139 20.56 21.17 -10.75
N ILE A 140 19.89 21.71 -9.73
CA ILE A 140 19.23 20.91 -8.71
C ILE A 140 17.81 20.63 -9.19
N HIS A 141 17.37 19.38 -9.09
CA HIS A 141 16.00 19.07 -9.46
C HIS A 141 15.01 19.64 -8.46
N ARG A 142 15.23 19.36 -7.18
CA ARG A 142 14.54 19.87 -5.99
C ARG A 142 13.20 19.19 -5.70
N ASP A 143 12.70 18.32 -6.58
CA ASP A 143 11.50 17.55 -6.25
C ASP A 143 11.60 16.16 -6.85
N ILE A 144 12.68 15.46 -6.50
CA ILE A 144 12.87 14.08 -6.98
C ILE A 144 11.91 13.17 -6.23
N LYS A 145 11.29 12.25 -6.97
CA LYS A 145 10.25 11.38 -6.44
C LYS A 145 9.88 10.42 -7.57
N SER A 146 9.18 9.33 -7.21
CA SER A 146 8.93 8.28 -8.19
C SER A 146 7.90 8.68 -9.23
N SER A 147 7.02 9.66 -8.95
CA SER A 147 6.14 10.13 -9.99
C SER A 147 6.85 11.00 -11.02
N ASN A 148 8.07 11.46 -10.72
CA ASN A 148 8.85 12.27 -11.65
C ASN A 148 9.89 11.42 -12.40
N ILE A 149 9.79 10.11 -12.31
CA ILE A 149 10.58 9.22 -13.15
C ILE A 149 9.61 8.56 -14.12
N LEU A 150 9.65 9.00 -15.38
CA LEU A 150 8.73 8.52 -16.39
C LEU A 150 9.41 7.44 -17.23
N LEU A 151 8.60 6.67 -17.94
CA LEU A 151 9.09 5.49 -18.65
C LEU A 151 8.64 5.53 -20.10
N ASP A 152 9.58 5.36 -21.02
CA ASP A 152 9.25 5.37 -22.44
C ASP A 152 8.78 3.97 -22.85
N HIS A 153 8.59 3.75 -24.16
CA HIS A 153 8.02 2.51 -24.65
C HIS A 153 8.91 1.30 -24.40
N SER A 154 10.22 1.50 -24.27
CA SER A 154 11.14 0.40 -23.93
C SER A 154 11.47 0.38 -22.44
N MET A 155 10.66 1.03 -21.62
CA MET A 155 10.83 1.11 -20.16
C MET A 155 12.14 1.76 -19.71
N CME A 156 12.75 2.59 -20.55
CA CME A 156 13.91 3.34 -20.12
CB CME A 156 14.79 3.82 -21.28
SG CME A 156 15.41 2.46 -22.24
SD CME A 156 16.44 1.21 -20.88
CE CME A 156 15.55 -0.31 -20.83
CZ CME A 156 16.33 -1.44 -20.20
OH CME A 156 17.55 -1.55 -20.92
C CME A 156 13.42 4.55 -19.31
O CME A 156 12.42 5.21 -19.59
N ALA A 157 14.14 4.82 -18.22
CA ALA A 157 13.74 5.89 -17.31
C ALA A 157 14.07 7.27 -17.89
N LYS A 158 13.22 8.25 -17.60
CA LYS A 158 13.50 9.63 -17.96
C LYS A 158 13.00 10.52 -16.82
N VAL A 159 13.94 11.19 -16.14
CA VAL A 159 13.59 12.13 -15.08
C VAL A 159 12.83 13.30 -15.69
N ALA A 160 11.70 13.64 -15.08
CA ALA A 160 10.83 14.66 -15.63
C ALA A 160 10.64 15.80 -14.65
N ASN A 161 10.01 16.86 -15.16
CA ASN A 161 9.32 17.88 -14.37
C ASN A 161 10.29 18.80 -13.65
N PHE A 162 10.86 19.72 -14.41
CA PHE A 162 11.88 20.65 -13.96
C PHE A 162 11.30 22.01 -13.59
N GLY A 163 9.99 22.07 -13.34
CA GLY A 163 9.37 23.31 -12.90
C GLY A 163 9.96 23.82 -11.60
N PHE A 164 10.33 22.92 -10.69
CA PHE A 164 11.03 23.33 -9.48
C PHE A 164 12.55 23.37 -9.65
N SER A 165 13.07 22.93 -10.79
CA SER A 165 14.51 22.90 -10.97
C SER A 165 15.10 24.31 -11.03
N LYS A 166 16.38 24.41 -10.69
CA LYS A 166 17.09 25.69 -10.72
C LYS A 166 18.58 25.42 -10.66
N TYR A 167 19.36 26.35 -11.21
CA TYR A 167 20.79 26.33 -11.03
C TYR A 167 21.14 26.29 -9.54
N ALA A 168 22.15 25.50 -9.20
CA ALA A 168 22.61 25.34 -7.83
C ALA A 168 23.09 26.67 -7.24
N SER A 177 13.77 31.70 0.77
CA SER A 177 12.72 31.73 1.80
C SER A 177 12.41 30.32 2.30
N LEU A 178 12.14 30.22 3.61
CA LEU A 178 11.73 28.94 4.19
C LEU A 178 10.23 28.74 3.98
N GLU A 179 9.88 27.62 3.37
CA GLU A 179 8.48 27.28 3.13
C GLU A 179 8.38 25.78 2.91
N VAL A 180 7.21 25.31 2.52
CA VAL A 180 7.05 23.91 2.15
C VAL A 180 7.78 23.68 0.83
N ARG A 181 8.68 22.71 0.82
CA ARG A 181 9.39 22.32 -0.39
C ARG A 181 9.35 20.82 -0.54
N GLY A 182 9.84 20.35 -1.68
CA GLY A 182 9.89 18.92 -1.98
C GLY A 182 8.49 18.32 -1.97
N THR A 183 8.43 17.04 -1.64
CA THR A 183 7.18 16.31 -1.56
C THR A 183 7.25 15.51 -0.28
N ALA A 184 6.14 15.45 0.47
CA ALA A 184 6.12 14.72 1.74
C ALA A 184 6.67 13.30 1.59
N GLY A 185 7.67 12.96 2.40
CA GLY A 185 8.35 11.70 2.32
C GLY A 185 9.71 11.75 1.66
N TYR A 186 10.01 12.80 0.89
CA TYR A 186 11.25 12.89 0.13
C TYR A 186 12.15 14.06 0.53
N LEU A 187 11.70 14.95 1.43
CA LEU A 187 12.41 16.19 1.66
C LEU A 187 13.63 15.96 2.54
N ASP A 188 14.78 16.50 2.10
CA ASP A 188 16.02 16.52 2.86
C ASP A 188 15.72 16.83 4.33
N PRO A 189 16.05 15.93 5.26
CA PRO A 189 15.72 16.17 6.68
C PRO A 189 16.48 17.34 7.29
N GLU A 190 17.50 17.87 6.62
CA GLU A 190 18.22 19.02 7.13
C GLU A 190 17.69 20.35 6.61
N TYR A 191 16.67 20.34 5.73
CA TYR A 191 16.32 21.56 5.01
C TYR A 191 15.93 22.69 5.95
N TYR A 192 15.13 22.41 6.96
CA TYR A 192 14.73 23.50 7.84
C TYR A 192 15.84 23.93 8.77
N LYS A 193 16.98 23.25 8.77
N LYS A 193 16.99 23.26 8.76
CA LYS A 193 18.14 23.68 9.53
CA LYS A 193 18.14 23.69 9.51
C LYS A 193 19.17 24.41 8.66
C LYS A 193 19.16 24.43 8.65
N THR A 194 19.22 24.13 7.36
CA THR A 194 20.11 24.82 6.43
C THR A 194 19.43 25.93 5.65
N GLN A 195 18.13 25.79 5.38
CA GLN A 195 17.35 26.69 4.53
C GLN A 195 17.79 26.64 3.07
N GLN A 196 18.45 25.57 2.65
CA GLN A 196 18.87 25.45 1.25
C GLN A 196 18.76 24.00 0.81
N LEU A 197 18.31 23.81 -0.43
CA LEU A 197 18.35 22.50 -1.07
C LEU A 197 19.56 22.46 -1.99
N SER A 198 20.30 21.37 -1.94
CA SER A 198 21.55 21.24 -2.67
C SER A 198 21.51 19.94 -3.46
N GLU A 199 22.61 19.64 -4.15
CA GLU A 199 22.73 18.34 -4.80
C GLU A 199 22.47 17.23 -3.82
N LYS A 200 22.95 17.37 -2.58
CA LYS A 200 22.80 16.30 -1.60
C LYS A 200 21.37 16.19 -1.09
N SER A 201 20.57 17.26 -1.21
CA SER A 201 19.14 17.11 -0.98
C SER A 201 18.50 16.23 -2.05
N ASP A 202 18.83 16.46 -3.32
CA ASP A 202 18.40 15.55 -4.38
C ASP A 202 18.83 14.10 -4.10
N VAL A 203 20.04 13.90 -3.56
CA VAL A 203 20.51 12.53 -3.32
C VAL A 203 19.66 11.86 -2.25
N PHE A 204 19.29 12.59 -1.20
CA PHE A 204 18.40 12.02 -0.19
C PHE A 204 17.07 11.56 -0.81
N SER A 205 16.47 12.42 -1.65
CA SER A 205 15.18 12.05 -2.26
C SER A 205 15.34 10.82 -3.13
N PHE A 206 16.46 10.71 -3.84
CA PHE A 206 16.70 9.54 -4.66
C PHE A 206 16.87 8.29 -3.80
N GLY A 207 17.45 8.43 -2.60
CA GLY A 207 17.49 7.30 -1.67
C GLY A 207 16.11 6.76 -1.33
N VAL A 208 15.13 7.64 -1.16
CA VAL A 208 13.76 7.18 -0.93
C VAL A 208 13.24 6.44 -2.15
N VAL A 209 13.49 6.98 -3.35
CA VAL A 209 13.09 6.32 -4.59
C VAL A 209 13.66 4.89 -4.65
N LEU A 210 14.93 4.73 -4.29
CA LEU A 210 15.54 3.40 -4.30
C LEU A 210 14.81 2.45 -3.35
N LEU A 211 14.36 2.95 -2.18
CA LEU A 211 13.59 2.10 -1.28
C LEU A 211 12.22 1.76 -1.84
N GLU A 212 11.59 2.69 -2.56
CA GLU A 212 10.35 2.38 -3.25
C GLU A 212 10.56 1.29 -4.29
N ILE A 213 11.66 1.39 -5.04
CA ILE A 213 11.96 0.38 -6.04
C ILE A 213 12.16 -0.98 -5.39
N VAL A 214 12.88 -1.02 -4.28
CA VAL A 214 13.17 -2.30 -3.63
C VAL A 214 11.92 -2.89 -3.01
N SER A 215 11.13 -2.05 -2.31
CA SER A 215 10.04 -2.50 -1.44
C SER A 215 8.69 -2.56 -2.13
N GLY A 216 8.51 -1.85 -3.22
CA GLY A 216 7.18 -1.72 -3.82
C GLY A 216 6.20 -0.88 -3.02
N ARG A 217 6.67 -0.12 -2.03
CA ARG A 217 5.82 0.66 -1.13
C ARG A 217 5.97 2.17 -1.33
N GLU A 218 4.89 2.93 -1.13
CA GLU A 218 5.00 4.38 -1.18
C GLU A 218 5.70 4.89 0.07
N PRO A 219 6.28 6.10 0.04
CA PRO A 219 7.05 6.57 1.20
C PRO A 219 6.24 6.71 2.47
N LEU A 220 4.99 7.18 2.39
CA LEU A 220 4.18 7.41 3.59
C LEU A 220 2.83 6.74 3.40
N ASN A 221 2.37 6.00 4.41
CA ASN A 221 1.07 5.35 4.29
C ASN A 221 0.48 5.14 5.69
N ILE A 222 -0.45 6.00 6.08
CA ILE A 222 -1.06 5.89 7.40
C ILE A 222 -1.97 4.66 7.51
N LYS A 223 -2.32 4.03 6.38
CA LYS A 223 -3.16 2.82 6.40
C LYS A 223 -2.38 1.57 6.78
N ARG A 224 -1.05 1.62 6.76
CA ARG A 224 -0.24 0.53 7.28
C ARG A 224 -0.22 0.59 8.80
N PRO A 225 0.28 -0.47 9.46
CA PRO A 225 0.49 -0.37 10.91
C PRO A 225 1.46 0.75 11.23
N ARG A 226 1.31 1.33 12.42
CA ARG A 226 2.05 2.55 12.76
C ARG A 226 3.55 2.37 12.62
N THR A 227 4.07 1.17 12.95
CA THR A 227 5.50 0.93 12.75
C THR A 227 5.88 0.95 11.28
N GLU A 228 4.92 0.80 10.38
CA GLU A 228 5.20 0.80 8.95
C GLU A 228 4.76 2.08 8.23
N TRP A 229 4.33 3.11 8.97
CA TRP A 229 3.82 4.33 8.35
C TRP A 229 4.83 4.95 7.39
N SER A 230 6.10 4.98 7.77
CA SER A 230 7.14 5.66 7.01
C SER A 230 8.11 4.61 6.44
N LEU A 231 8.26 4.62 5.11
CA LEU A 231 9.12 3.64 4.44
C LEU A 231 10.56 3.72 4.95
N VAL A 232 11.11 4.94 5.03
CA VAL A 232 12.51 5.09 5.45
C VAL A 232 12.70 4.59 6.87
N GLU A 233 11.87 5.06 7.80
CA GLU A 233 12.04 4.67 9.19
C GLU A 233 11.79 3.18 9.39
N TRP A 234 10.84 2.62 8.63
CA TRP A 234 10.56 1.19 8.75
C TRP A 234 11.71 0.35 8.22
N ALA A 235 12.20 0.68 7.04
CA ALA A 235 13.15 -0.18 6.34
C ALA A 235 14.58 -0.06 6.89
N THR A 236 14.98 1.11 7.41
CA THR A 236 16.37 1.31 7.82
C THR A 236 16.86 0.28 8.82
N PRO A 237 16.14 -0.06 9.90
CA PRO A 237 16.65 -1.08 10.83
C PRO A 237 16.84 -2.45 10.22
N TYR A 238 16.00 -2.86 9.26
CA TYR A 238 16.22 -4.15 8.61
C TYR A 238 17.48 -4.11 7.75
N ILE A 239 17.70 -3.01 7.04
CA ILE A 239 18.90 -2.88 6.23
C ILE A 239 20.13 -2.99 7.12
N ARG A 240 20.16 -2.20 8.20
CA ARG A 240 21.30 -2.22 9.11
C ARG A 240 21.42 -3.54 9.88
N GLY A 241 20.35 -4.33 9.96
CA GLY A 241 20.41 -5.58 10.68
C GLY A 241 20.60 -6.79 9.78
N SER A 242 21.13 -6.56 8.57
CA SER A 242 21.31 -7.60 7.57
C SER A 242 20.08 -8.49 7.45
N LYS A 243 18.91 -7.86 7.33
CA LYS A 243 17.64 -8.56 7.14
C LYS A 243 16.91 -7.96 5.96
N VAL A 244 17.62 -7.80 4.85
CA VAL A 244 17.11 -7.04 3.71
C VAL A 244 15.92 -7.73 3.08
N ASP A 245 15.87 -9.07 3.10
CA ASP A 245 14.73 -9.74 2.48
C ASP A 245 13.41 -9.35 3.13
N GLU A 246 13.43 -8.85 4.36
CA GLU A 246 12.18 -8.46 5.01
C GLU A 246 11.54 -7.24 4.35
N ILE A 247 12.32 -6.38 3.67
CA ILE A 247 11.74 -5.19 3.05
C ILE A 247 11.50 -5.33 1.55
N VAL A 248 12.03 -6.38 0.92
CA VAL A 248 11.90 -6.53 -0.52
C VAL A 248 10.44 -6.75 -0.91
N ASP A 249 10.02 -6.10 -1.99
CA ASP A 249 8.71 -6.31 -2.58
C ASP A 249 8.44 -7.81 -2.75
N PRO A 250 7.34 -8.32 -2.19
CA PRO A 250 7.02 -9.74 -2.37
C PRO A 250 6.96 -10.16 -3.83
N GLY A 251 6.54 -9.27 -4.72
CA GLY A 251 6.42 -9.61 -6.13
C GLY A 251 7.74 -9.85 -6.83
N ILE A 252 8.87 -9.49 -6.24
CA ILE A 252 10.16 -9.76 -6.83
C ILE A 252 11.03 -10.66 -5.96
N LYS A 253 10.45 -11.24 -4.90
CA LYS A 253 11.24 -12.11 -4.03
C LYS A 253 11.65 -13.35 -4.81
N GLY A 254 12.94 -13.64 -4.79
CA GLY A 254 13.45 -14.72 -5.60
C GLY A 254 13.83 -14.32 -7.01
N GLY A 255 13.60 -13.08 -7.41
CA GLY A 255 13.94 -12.67 -8.75
C GLY A 255 15.15 -11.76 -8.79
N TYR A 256 15.96 -11.77 -7.74
CA TYR A 256 17.09 -10.86 -7.65
C TYR A 256 18.35 -11.62 -7.23
N HIS A 257 19.48 -11.16 -7.76
CA HIS A 257 20.78 -11.64 -7.31
C HIS A 257 21.08 -11.02 -5.95
N ALA A 258 21.40 -11.86 -4.97
CA ALA A 258 21.57 -11.39 -3.60
C ALA A 258 22.51 -10.20 -3.52
N GLU A 259 23.66 -10.29 -4.21
CA GLU A 259 24.66 -9.22 -4.10
C GLU A 259 24.18 -7.95 -4.77
N ALA A 260 23.48 -8.07 -5.90
CA ALA A 260 22.95 -6.88 -6.55
C ALA A 260 22.01 -6.13 -5.62
N MET A 261 21.16 -6.85 -4.90
CA MET A 261 20.17 -6.22 -4.01
C MET A 261 20.85 -5.60 -2.79
N TRP A 262 21.80 -6.31 -2.17
CA TRP A 262 22.54 -5.77 -1.03
C TRP A 262 23.24 -4.45 -1.39
N ARG A 263 23.91 -4.41 -2.55
CA ARG A 263 24.61 -3.19 -2.91
C ARG A 263 23.63 -2.05 -3.21
N VAL A 264 22.46 -2.35 -3.78
CA VAL A 264 21.44 -1.30 -3.99
C VAL A 264 20.96 -0.73 -2.65
N VAL A 265 20.66 -1.59 -1.66
CA VAL A 265 20.17 -1.03 -0.39
C VAL A 265 21.29 -0.37 0.39
N GLU A 266 22.52 -0.86 0.27
CA GLU A 266 23.66 -0.14 0.85
C GLU A 266 23.74 1.28 0.30
N VAL A 267 23.58 1.44 -1.01
CA VAL A 267 23.60 2.76 -1.63
C VAL A 267 22.43 3.60 -1.12
N ALA A 268 21.24 3.00 -1.07
CA ALA A 268 20.08 3.73 -0.56
C ALA A 268 20.33 4.24 0.85
N LEU A 269 20.89 3.38 1.72
CA LEU A 269 21.17 3.76 3.09
C LEU A 269 22.13 4.95 3.19
N GLN A 270 23.15 4.99 2.33
CA GLN A 270 24.04 6.15 2.36
CA GLN A 270 24.06 6.14 2.31
C GLN A 270 23.35 7.40 1.82
N CYS A 271 22.46 7.26 0.84
CA CYS A 271 21.72 8.42 0.35
C CYS A 271 20.84 9.01 1.45
N LEU A 272 20.37 8.16 2.36
CA LEU A 272 19.43 8.52 3.41
C LEU A 272 20.10 8.99 4.69
N GLU A 273 21.43 9.10 4.70
CA GLU A 273 22.15 9.63 5.84
C GLU A 273 21.55 10.98 6.25
N PRO A 274 21.31 11.21 7.54
CA PRO A 274 20.64 12.47 7.95
C PRO A 274 21.45 13.71 7.71
N PHE A 275 22.77 13.62 7.56
CA PHE A 275 23.61 14.79 7.39
C PHE A 275 24.25 14.74 6.01
N SER A 276 24.16 15.87 5.29
CA SER A 276 24.38 15.85 3.83
C SER A 276 25.79 15.39 3.45
N THR A 277 26.81 15.76 4.23
CA THR A 277 28.17 15.44 3.76
C THR A 277 28.49 13.94 3.75
N TYR A 278 27.66 13.10 4.36
CA TYR A 278 27.86 11.66 4.36
C TYR A 278 27.17 10.97 3.20
N ARG A 279 26.38 11.70 2.42
CA ARG A 279 25.72 11.09 1.29
C ARG A 279 26.67 11.05 0.10
N PRO A 280 26.55 10.05 -0.77
CA PRO A 280 27.41 10.01 -1.95
C PRO A 280 26.92 11.01 -3.00
N SER A 281 27.83 11.33 -3.90
CA SER A 281 27.46 12.09 -5.09
C SER A 281 26.64 11.21 -6.03
N MET A 282 25.89 11.85 -6.93
CA MET A 282 25.17 11.08 -7.94
C MET A 282 26.11 10.32 -8.87
N VAL A 283 27.30 10.89 -9.16
CA VAL A 283 28.29 10.19 -9.97
C VAL A 283 28.74 8.90 -9.28
N ALA A 284 28.90 8.93 -7.95
CA ALA A 284 29.29 7.71 -7.24
C ALA A 284 28.14 6.71 -7.18
N ILE A 285 26.90 7.21 -7.13
CA ILE A 285 25.74 6.32 -7.11
C ILE A 285 25.59 5.62 -8.45
N VAL A 286 25.85 6.33 -9.55
CA VAL A 286 25.79 5.71 -10.87
C VAL A 286 26.77 4.54 -10.95
N ARG A 287 28.00 4.73 -10.45
N ARG A 287 28.00 4.73 -10.46
CA ARG A 287 29.01 3.67 -10.56
CA ARG A 287 29.01 3.67 -10.58
C ARG A 287 28.61 2.44 -9.75
C ARG A 287 28.62 2.43 -9.76
N GLU A 288 28.02 2.64 -8.57
CA GLU A 288 27.57 1.51 -7.77
C GLU A 288 26.41 0.78 -8.42
N LEU A 289 25.43 1.52 -8.98
CA LEU A 289 24.32 0.89 -9.67
C LEU A 289 24.78 0.18 -10.95
N GLU A 290 25.77 0.73 -11.65
CA GLU A 290 26.31 0.04 -12.82
C GLU A 290 26.90 -1.31 -12.43
N ASP A 291 27.70 -1.35 -11.36
CA ASP A 291 28.26 -2.63 -10.92
C ASP A 291 27.14 -3.58 -10.48
N ALA A 292 26.15 -3.06 -9.77
CA ALA A 292 25.02 -3.90 -9.36
C ALA A 292 24.29 -4.48 -10.56
N LEU A 293 24.11 -3.67 -11.62
CA LEU A 293 23.42 -4.17 -12.82
C LEU A 293 24.22 -5.26 -13.52
N ILE A 294 25.55 -5.10 -13.60
CA ILE A 294 26.40 -6.15 -14.16
C ILE A 294 26.22 -7.44 -13.37
N ILE A 295 26.32 -7.36 -12.05
CA ILE A 295 26.18 -8.53 -11.19
C ILE A 295 24.85 -9.24 -11.47
N GLU A 296 23.77 -8.45 -11.48
CA GLU A 296 22.44 -8.99 -11.76
C GLU A 296 22.38 -9.65 -13.12
N ASN A 297 22.99 -9.03 -14.15
CA ASN A 297 22.97 -9.63 -15.47
C ASN A 297 23.79 -10.92 -15.54
N ASN A 298 24.70 -11.14 -14.60
CA ASN A 298 25.50 -12.36 -14.57
C ASN A 298 24.96 -13.38 -13.59
N ALA A 299 23.68 -13.26 -13.20
CA ALA A 299 23.03 -14.25 -12.37
C ALA A 299 22.55 -15.43 -13.22
N SER A 300 23.31 -15.74 -14.27
CA SER A 300 23.01 -16.85 -15.15
C SER A 300 23.06 -18.17 -14.39
N SER B 3 -28.98 2.26 15.29
CA SER B 3 -30.04 1.90 16.21
C SER B 3 -30.46 3.10 17.06
N ILE B 4 -31.15 4.05 16.41
CA ILE B 4 -31.63 5.24 17.10
C ILE B 4 -32.78 4.84 18.02
N GLN B 5 -32.75 5.32 19.26
CA GLN B 5 -33.74 4.99 20.27
C GLN B 5 -34.77 6.09 20.40
N ALA B 6 -36.04 5.69 20.57
CA ALA B 6 -37.11 6.62 20.87
C ALA B 6 -37.31 6.63 22.39
N PHE B 7 -37.29 7.82 22.97
CA PHE B 7 -37.54 7.97 24.40
C PHE B 7 -38.84 8.74 24.63
N THR B 8 -39.51 8.42 25.73
CA THR B 8 -40.66 9.19 26.17
C THR B 8 -40.20 10.49 26.83
N LEU B 9 -41.12 11.44 26.94
CA LEU B 9 -40.80 12.70 27.60
C LEU B 9 -40.48 12.47 29.07
N GLU B 10 -41.18 11.56 29.73
CA GLU B 10 -40.88 11.26 31.13
C GLU B 10 -39.47 10.71 31.29
N TYR B 11 -39.04 9.85 30.36
CA TYR B 11 -37.67 9.32 30.40
C TYR B 11 -36.65 10.44 30.33
N ILE B 12 -36.87 11.43 29.46
CA ILE B 12 -35.92 12.53 29.36
C ILE B 12 -35.93 13.36 30.62
N GLU B 13 -37.10 13.60 31.20
CA GLU B 13 -37.16 14.35 32.46
C GLU B 13 -36.34 13.66 33.54
N VAL B 14 -36.52 12.35 33.69
CA VAL B 14 -35.77 11.59 34.69
C VAL B 14 -34.27 11.63 34.37
N ALA B 15 -33.92 11.53 33.09
CA ALA B 15 -32.52 11.48 32.71
C ALA B 15 -31.82 12.82 32.92
N THR B 16 -32.54 13.93 32.77
CA THR B 16 -31.97 15.26 32.97
C THR B 16 -32.29 15.84 34.34
N GLU B 17 -33.01 15.11 35.18
CA GLU B 17 -33.45 15.60 36.49
C GLU B 17 -34.24 16.91 36.34
N ARG B 18 -35.23 16.87 35.44
CA ARG B 18 -36.05 18.04 35.09
C ARG B 18 -35.19 19.18 34.54
N TYR B 19 -34.23 18.82 33.69
CA TYR B 19 -33.38 19.77 32.97
C TYR B 19 -32.61 20.67 33.96
N LYS B 20 -31.88 20.02 34.86
CA LYS B 20 -31.21 20.74 35.93
C LYS B 20 -29.98 21.48 35.44
N THR B 21 -29.16 20.86 34.57
CA THR B 21 -27.85 21.37 34.24
C THR B 21 -27.81 21.81 32.77
N LEU B 22 -28.10 23.09 32.55
CA LEU B 22 -28.01 23.68 31.23
C LEU B 22 -26.55 23.85 30.81
N ILE B 23 -26.20 23.30 29.65
CA ILE B 23 -24.82 23.36 29.14
C ILE B 23 -24.65 24.56 28.21
N GLY B 24 -25.41 24.57 27.11
CA GLY B 24 -25.29 25.63 26.14
C GLY B 24 -26.57 25.92 25.37
N GLU B 25 -26.45 26.74 24.32
CA GLU B 25 -27.55 27.05 23.41
C GLU B 25 -27.03 26.91 21.98
N GLY B 26 -27.70 26.09 21.17
CA GLY B 26 -27.28 25.82 19.83
C GLY B 26 -28.26 26.33 18.79
N GLY B 27 -28.16 25.77 17.58
CA GLY B 27 -29.14 26.08 16.57
C GLY B 27 -30.48 25.42 16.84
N PHE B 28 -30.46 24.26 17.48
CA PHE B 28 -31.68 23.54 17.80
C PHE B 28 -32.39 24.17 19.01
N GLY B 29 -31.67 24.36 20.10
CA GLY B 29 -32.27 24.93 21.31
C GLY B 29 -31.30 24.81 22.48
N SER B 30 -31.89 24.71 23.67
CA SER B 30 -31.07 24.56 24.87
C SER B 30 -30.54 23.13 24.98
N VAL B 31 -29.35 22.99 25.55
CA VAL B 31 -28.69 21.70 25.73
C VAL B 31 -28.50 21.43 27.20
N TYR B 32 -28.87 20.24 27.64
CA TYR B 32 -28.76 19.83 29.04
C TYR B 32 -27.96 18.55 29.15
N ARG B 33 -27.31 18.37 30.30
CA ARG B 33 -26.59 17.12 30.57
C ARG B 33 -27.54 16.14 31.22
N GLY B 34 -27.41 14.87 30.84
CA GLY B 34 -28.27 13.83 31.37
C GLY B 34 -27.53 12.51 31.46
N THR B 35 -28.21 11.54 32.05
CA THR B 35 -27.68 10.19 32.21
C THR B 35 -28.78 9.20 31.84
N LEU B 36 -28.51 8.38 30.82
CA LEU B 36 -29.45 7.33 30.46
C LEU B 36 -29.48 6.26 31.56
N ASN B 37 -30.48 5.38 31.47
CA ASN B 37 -30.63 4.34 32.50
C ASN B 37 -29.38 3.47 32.59
N ASP B 38 -28.76 3.16 31.47
CA ASP B 38 -27.60 2.27 31.46
C ASP B 38 -26.32 2.96 31.90
N GLY B 39 -26.37 4.25 32.24
CA GLY B 39 -25.22 4.98 32.71
C GLY B 39 -24.54 5.84 31.67
N GLN B 40 -24.88 5.69 30.40
CA GLN B 40 -24.33 6.55 29.36
C GLN B 40 -24.61 8.01 29.67
N GLU B 41 -23.57 8.83 29.69
CA GLU B 41 -23.74 10.26 29.89
C GLU B 41 -24.10 10.90 28.55
N VAL B 42 -25.09 11.79 28.56
CA VAL B 42 -25.61 12.32 27.31
C VAL B 42 -25.79 13.83 27.39
N ALA B 43 -25.79 14.44 26.21
CA ALA B 43 -26.19 15.83 26.03
C ALA B 43 -27.54 15.82 25.34
N VAL B 44 -28.49 16.56 25.91
CA VAL B 44 -29.90 16.50 25.54
C VAL B 44 -30.30 17.88 25.01
N LYS B 45 -30.53 17.96 23.70
CA LYS B 45 -30.93 19.22 23.07
C LYS B 45 -32.44 19.28 23.03
N VAL B 46 -33.01 20.43 23.40
CA VAL B 46 -34.45 20.59 23.57
C VAL B 46 -34.92 21.83 22.81
N ARG B 47 -36.00 21.68 22.05
CA ARG B 47 -36.63 22.75 21.31
C ARG B 47 -38.14 22.59 21.44
N SER B 48 -38.87 23.70 21.53
CA SER B 48 -40.32 23.63 21.48
C SER B 48 -40.79 23.65 20.03
N ALA B 49 -41.80 22.84 19.73
CA ALA B 49 -42.40 22.85 18.40
C ALA B 49 -43.25 24.11 18.19
N THR B 50 -43.16 24.66 16.99
CA THR B 50 -43.97 25.81 16.55
C THR B 50 -44.77 25.42 15.31
N SER B 51 -45.53 26.39 14.80
CA SER B 51 -46.37 26.15 13.63
C SER B 51 -45.54 25.88 12.38
N THR B 52 -44.30 26.34 12.33
CA THR B 52 -43.44 26.07 11.19
C THR B 52 -42.46 24.94 11.44
N GLN B 53 -42.11 24.65 12.70
CA GLN B 53 -41.23 23.54 13.06
C GLN B 53 -42.03 22.54 13.89
N GLY B 54 -42.87 21.77 13.21
CA GLY B 54 -43.71 20.77 13.84
C GLY B 54 -43.21 19.36 13.64
N THR B 55 -44.12 18.40 13.83
CA THR B 55 -43.74 16.99 13.89
C THR B 55 -43.12 16.51 12.58
N ARG B 56 -43.74 16.85 11.45
CA ARG B 56 -43.24 16.35 10.18
C ARG B 56 -41.94 17.05 9.77
N GLU B 57 -41.77 18.32 10.16
CA GLU B 57 -40.48 18.97 9.94
C GLU B 57 -39.39 18.34 10.79
N PHE B 58 -39.69 18.06 12.07
CA PHE B 58 -38.71 17.36 12.90
C PHE B 58 -38.47 15.94 12.41
N ASP B 59 -39.51 15.28 11.86
CA ASP B 59 -39.30 13.97 11.27
C ASP B 59 -38.28 14.03 10.13
N ASN B 60 -38.43 15.00 9.22
CA ASN B 60 -37.49 15.15 8.11
C ASN B 60 -36.07 15.41 8.62
N GLU B 61 -35.93 16.33 9.59
CA GLU B 61 -34.60 16.61 10.15
C GLU B 61 -34.00 15.37 10.78
N LEU B 62 -34.81 14.57 11.46
CA LEU B 62 -34.33 13.37 12.11
C LEU B 62 -33.76 12.37 11.11
N ASN B 63 -34.31 12.30 9.89
CA ASN B 63 -33.77 11.37 8.90
C ASN B 63 -32.33 11.71 8.55
N LEU B 64 -32.00 13.01 8.44
CA LEU B 64 -30.64 13.39 8.12
C LEU B 64 -29.72 13.20 9.33
N LEU B 65 -30.15 13.66 10.51
CA LEU B 65 -29.35 13.52 11.71
C LEU B 65 -29.06 12.06 12.04
N SER B 66 -29.95 11.13 11.64
CA SER B 66 -29.75 9.72 11.91
C SER B 66 -28.82 9.05 10.90
N ALA B 67 -28.73 9.61 9.68
CA ALA B 67 -27.96 9.03 8.59
C ALA B 67 -26.48 9.34 8.67
N ILE B 68 -26.08 10.32 9.48
CA ILE B 68 -24.70 10.79 9.53
C ILE B 68 -23.97 9.96 10.56
N GLN B 69 -23.16 9.00 10.10
CA GLN B 69 -22.48 8.06 11.00
C GLN B 69 -21.03 7.87 10.56
N HIS B 70 -20.12 8.31 11.41
CA HIS B 70 -18.68 8.26 11.13
C HIS B 70 -17.95 8.34 12.46
N GLU B 71 -16.75 7.76 12.50
CA GLU B 71 -16.00 7.71 13.76
C GLU B 71 -15.54 9.07 14.23
N ASN B 72 -15.52 10.08 13.35
CA ASN B 72 -15.17 11.44 13.73
C ASN B 72 -16.37 12.39 13.67
N LEU B 73 -17.59 11.86 13.77
CA LEU B 73 -18.78 12.68 13.97
C LEU B 73 -19.52 12.12 15.19
N VAL B 74 -20.01 13.02 16.05
CA VAL B 74 -20.74 12.58 17.24
C VAL B 74 -22.03 11.93 16.76
N PRO B 75 -22.34 10.71 17.17
CA PRO B 75 -23.53 10.04 16.65
C PRO B 75 -24.77 10.44 17.45
N LEU B 76 -25.89 10.48 16.74
CA LEU B 76 -27.17 10.66 17.39
C LEU B 76 -27.57 9.35 18.06
N LEU B 77 -27.84 9.38 19.37
CA LEU B 77 -28.24 8.17 20.10
C LEU B 77 -29.75 7.97 20.14
N GLY B 78 -30.53 9.03 20.10
CA GLY B 78 -31.96 8.87 20.22
C GLY B 78 -32.66 10.21 20.16
N TYR B 79 -33.98 10.16 20.30
CA TYR B 79 -34.79 11.36 20.20
C TYR B 79 -36.00 11.23 21.11
N CYS B 80 -36.70 12.33 21.27
CA CYS B 80 -38.03 12.30 21.87
C CYS B 80 -38.82 13.40 21.17
N ASN B 81 -40.06 13.10 20.81
CA ASN B 81 -40.97 14.11 20.27
C ASN B 81 -42.33 13.82 20.87
N GLU B 82 -42.76 14.68 21.79
CA GLU B 82 -43.94 14.39 22.61
C GLU B 82 -44.37 15.69 23.26
N SER B 83 -45.67 15.97 23.22
CA SER B 83 -46.24 17.14 23.91
C SER B 83 -45.59 18.43 23.43
N ASP B 84 -45.26 18.48 22.13
CA ASP B 84 -44.67 19.64 21.46
C ASP B 84 -43.25 19.93 21.93
N GLN B 85 -42.58 18.96 22.56
CA GLN B 85 -41.18 19.08 22.92
C GLN B 85 -40.37 18.18 21.98
N GLN B 86 -39.40 18.76 21.29
CA GLN B 86 -38.55 18.06 20.34
C GLN B 86 -37.15 17.94 20.93
N ILE B 87 -36.65 16.71 20.99
CA ILE B 87 -35.49 16.36 21.80
C ILE B 87 -34.56 15.49 20.98
N LEU B 88 -33.27 15.80 21.02
CA LEU B 88 -32.21 15.00 20.42
C LEU B 88 -31.20 14.66 21.50
N VAL B 89 -30.73 13.41 21.48
CA VAL B 89 -29.88 12.87 22.53
C VAL B 89 -28.57 12.42 21.88
N TYR B 90 -27.46 13.00 22.33
CA TYR B 90 -26.12 12.66 21.88
C TYR B 90 -25.28 12.20 23.05
N PRO B 91 -24.21 11.43 22.80
CA PRO B 91 -23.32 11.06 23.91
C PRO B 91 -22.56 12.28 24.41
N PHE B 92 -22.36 12.33 25.72
CA PHE B 92 -21.54 13.38 26.30
C PHE B 92 -20.07 13.12 25.99
N MET B 93 -19.39 14.11 25.42
CA MET B 93 -17.98 14.00 25.10
C MET B 93 -17.18 14.52 26.29
N SER B 94 -16.59 13.58 27.05
CA SER B 94 -16.12 13.88 28.40
C SER B 94 -14.95 14.86 28.45
N ASN B 95 -14.23 15.07 27.35
CA ASN B 95 -13.09 15.96 27.36
C ASN B 95 -13.39 17.32 26.73
N GLY B 96 -14.67 17.63 26.49
CA GLY B 96 -15.05 18.97 26.07
C GLY B 96 -14.64 19.31 24.64
N SER B 97 -14.56 20.60 24.38
CA SER B 97 -14.33 21.10 23.03
C SER B 97 -12.86 21.40 22.79
N LEU B 98 -12.48 21.34 21.51
CA LEU B 98 -11.14 21.78 21.13
C LEU B 98 -10.89 23.20 21.60
N GLN B 99 -11.87 24.09 21.45
CA GLN B 99 -11.75 25.46 21.92
C GLN B 99 -11.29 25.52 23.37
N ASP B 100 -11.98 24.79 24.25
CA ASP B 100 -11.65 24.85 25.67
C ASP B 100 -10.25 24.33 25.95
N ARG B 101 -9.76 23.37 25.15
CA ARG B 101 -8.44 22.83 25.34
C ARG B 101 -7.35 23.74 24.78
N LEU B 102 -7.68 24.60 23.82
CA LEU B 102 -6.68 25.53 23.30
C LEU B 102 -6.57 26.81 24.12
N TYR B 103 -7.70 27.41 24.50
CA TYR B 103 -7.60 28.65 25.27
C TYR B 103 -8.73 28.83 26.28
N GLY B 104 -9.46 27.77 26.62
CA GLY B 104 -10.39 27.79 27.74
C GLY B 104 -9.70 27.49 29.06
N GLU B 105 -10.50 27.15 30.07
CA GLU B 105 -9.93 26.90 31.39
C GLU B 105 -9.07 25.63 31.43
N PRO B 106 -9.46 24.53 30.78
CA PRO B 106 -8.54 23.37 30.68
C PRO B 106 -7.14 23.72 30.21
N ALA B 107 -6.99 24.68 29.29
CA ALA B 107 -5.65 25.07 28.83
C ALA B 107 -4.83 25.70 29.94
N LYS B 108 -5.49 26.27 30.96
CA LYS B 108 -4.77 26.82 32.11
C LYS B 108 -4.09 25.72 32.92
N ARG B 109 -4.67 24.52 32.95
CA ARG B 109 -4.13 23.42 33.74
C ARG B 109 -3.17 22.53 32.95
N LYS B 110 -3.38 22.37 31.64
CA LYS B 110 -2.56 21.46 30.86
C LYS B 110 -2.56 21.89 29.40
N ILE B 111 -1.39 21.81 28.78
CA ILE B 111 -1.22 22.20 27.39
C ILE B 111 -1.44 20.99 26.51
N LEU B 112 -2.26 21.15 25.46
CA LEU B 112 -2.35 20.14 24.40
C LEU B 112 -1.03 20.11 23.62
N ASP B 113 -0.34 18.97 23.63
CA ASP B 113 0.92 18.92 22.91
C ASP B 113 0.67 18.83 21.40
N TRP B 114 1.73 19.09 20.63
CA TRP B 114 1.56 19.16 19.19
C TRP B 114 1.12 17.84 18.54
N PRO B 115 1.65 16.66 18.88
CA PRO B 115 1.15 15.44 18.22
C PRO B 115 -0.35 15.21 18.42
N THR B 116 -0.89 15.58 19.59
CA THR B 116 -2.32 15.44 19.83
C THR B 116 -3.11 16.47 19.04
N ARG B 117 -2.59 17.70 18.92
CA ARG B 117 -3.24 18.71 18.09
C ARG B 117 -3.33 18.26 16.64
N LEU B 118 -2.28 17.60 16.16
CA LEU B 118 -2.27 17.06 14.80
C LEU B 118 -3.27 15.93 14.64
N SER B 119 -3.34 15.03 15.63
CA SER B 119 -4.32 13.95 15.60
C SER B 119 -5.74 14.52 15.63
N ILE B 120 -5.95 15.57 16.42
CA ILE B 120 -7.27 16.19 16.46
C ILE B 120 -7.61 16.82 15.11
N ALA B 121 -6.67 17.58 14.54
CA ALA B 121 -6.91 18.19 13.24
C ALA B 121 -7.26 17.15 12.19
N LEU B 122 -6.56 16.02 12.18
CA LEU B 122 -6.83 14.97 11.21
C LEU B 122 -8.22 14.37 11.40
N GLY B 123 -8.60 14.06 12.63
CA GLY B 123 -9.91 13.47 12.84
C GLY B 123 -11.04 14.44 12.51
N ALA B 124 -10.88 15.71 12.86
CA ALA B 124 -11.92 16.66 12.50
C ALA B 124 -12.04 16.76 10.99
N ALA B 125 -10.90 16.69 10.28
CA ALA B 125 -10.94 16.78 8.83
C ALA B 125 -11.60 15.56 8.21
N ARG B 126 -11.39 14.38 8.81
CA ARG B 126 -12.05 13.18 8.28
C ARG B 126 -13.55 13.26 8.47
N GLY B 127 -13.98 13.74 9.63
CA GLY B 127 -15.41 13.97 9.85
C GLY B 127 -16.03 14.88 8.80
N LEU B 128 -15.42 16.04 8.58
CA LEU B 128 -15.93 16.97 7.59
C LEU B 128 -15.88 16.39 6.18
N ALA B 129 -14.84 15.61 5.87
CA ALA B 129 -14.77 15.01 4.56
C ALA B 129 -15.91 14.01 4.36
N TYR B 130 -16.26 13.27 5.40
CA TYR B 130 -17.42 12.39 5.32
C TYR B 130 -18.68 13.17 4.96
N LEU B 131 -18.91 14.33 5.59
CA LEU B 131 -20.10 15.11 5.28
C LEU B 131 -20.10 15.58 3.82
N HIS B 132 -18.95 16.02 3.32
CA HIS B 132 -18.88 16.51 1.94
C HIS B 132 -18.91 15.38 0.91
N THR B 133 -18.68 14.13 1.30
CA THR B 133 -18.74 13.00 0.38
C THR B 133 -19.90 12.08 0.72
N PHE B 134 -20.87 12.60 1.48
CA PHE B 134 -22.00 11.82 1.94
C PHE B 134 -22.76 11.25 0.74
N PRO B 135 -23.18 9.99 0.82
CA PRO B 135 -23.93 9.38 -0.30
C PRO B 135 -25.15 10.19 -0.72
N GLY B 136 -25.47 10.12 -2.00
CA GLY B 136 -26.57 10.89 -2.54
C GLY B 136 -26.23 12.36 -2.66
N ARG B 137 -26.43 13.13 -1.59
CA ARG B 137 -26.15 14.55 -1.60
C ARG B 137 -25.21 14.89 -0.46
N SER B 138 -24.19 15.70 -0.76
CA SER B 138 -23.24 16.11 0.25
C SER B 138 -23.92 16.95 1.32
N VAL B 139 -23.39 16.87 2.53
CA VAL B 139 -23.90 17.60 3.69
C VAL B 139 -22.90 18.70 4.05
N ILE B 140 -23.41 19.91 4.26
CA ILE B 140 -22.61 21.04 4.73
C ILE B 140 -22.88 21.22 6.21
N HIS B 141 -21.83 21.40 7.00
CA HIS B 141 -22.03 21.64 8.43
C HIS B 141 -22.54 23.05 8.67
N ARG B 142 -21.92 24.05 8.03
CA ARG B 142 -22.28 25.46 7.99
C ARG B 142 -21.91 26.23 9.26
N ASP B 143 -21.41 25.58 10.31
CA ASP B 143 -20.89 26.32 11.46
C ASP B 143 -19.70 25.58 12.05
N ILE B 144 -18.69 25.34 11.20
CA ILE B 144 -17.45 24.70 11.67
C ILE B 144 -16.67 25.70 12.49
N LYS B 145 -16.22 25.27 13.67
CA LYS B 145 -15.47 26.15 14.56
C LYS B 145 -14.94 25.28 15.69
N SER B 146 -14.00 25.83 16.47
CA SER B 146 -13.32 24.98 17.44
C SER B 146 -14.25 24.54 18.59
N SER B 147 -15.34 25.27 18.86
CA SER B 147 -16.28 24.81 19.88
C SER B 147 -17.14 23.64 19.42
N ASN B 148 -17.21 23.39 18.11
CA ASN B 148 -17.97 22.27 17.56
C ASN B 148 -17.09 21.06 17.24
N ILE B 149 -15.84 21.06 17.66
CA ILE B 149 -14.98 19.89 17.60
C ILE B 149 -14.79 19.41 19.03
N LEU B 150 -15.40 18.27 19.35
CA LEU B 150 -15.41 17.73 20.70
C LEU B 150 -14.46 16.54 20.80
N LEU B 151 -14.12 16.19 22.03
CA LEU B 151 -13.04 15.26 22.32
C LEU B 151 -13.56 14.21 23.29
N ASP B 152 -13.34 12.94 22.95
CA ASP B 152 -13.77 11.85 23.82
C ASP B 152 -12.68 11.54 24.83
N HIS B 153 -12.83 10.42 25.55
CA HIS B 153 -11.95 10.14 26.68
C HIS B 153 -10.50 9.93 26.24
N SER B 154 -10.28 9.44 25.02
CA SER B 154 -8.95 9.23 24.48
C SER B 154 -8.51 10.35 23.56
N MET B 155 -9.16 11.52 23.64
CA MET B 155 -8.88 12.71 22.85
C MET B 155 -9.08 12.50 21.34
N CME B 156 -9.94 11.56 20.95
CA CME B 156 -10.36 11.48 19.57
CB CME B 156 -11.16 10.25 19.12
SG CME B 156 -10.22 8.82 18.70
SD CME B 156 -8.68 8.75 20.13
CE CME B 156 -7.31 9.62 19.46
CZ CME B 156 -7.42 9.76 17.96
OH CME B 156 -6.12 10.17 17.55
C CME B 156 -11.24 12.71 19.39
O CME B 156 -11.99 13.11 20.27
N ALA B 157 -11.13 13.31 18.22
CA ALA B 157 -11.90 14.48 17.89
C ALA B 157 -13.16 14.05 17.15
N LYS B 158 -14.27 14.71 17.46
CA LYS B 158 -15.52 14.44 16.76
C LYS B 158 -16.20 15.77 16.44
N VAL B 159 -16.49 15.99 15.15
CA VAL B 159 -17.25 17.16 14.77
C VAL B 159 -18.65 17.01 15.33
N ALA B 160 -19.18 18.09 15.91
CA ALA B 160 -20.44 17.99 16.61
C ALA B 160 -21.37 19.12 16.18
N ASN B 161 -22.61 18.98 16.63
CA ASN B 161 -23.59 20.07 16.62
C ASN B 161 -24.04 20.41 15.22
N PHE B 162 -24.98 19.60 14.70
CA PHE B 162 -25.41 19.64 13.31
C PHE B 162 -26.70 20.42 13.12
N GLY B 163 -27.02 21.33 14.05
CA GLY B 163 -28.25 22.10 13.98
C GLY B 163 -28.31 23.09 12.84
N PHE B 164 -27.18 23.35 12.16
CA PHE B 164 -27.17 24.19 10.97
C PHE B 164 -26.88 23.38 9.71
N SER B 165 -26.85 22.05 9.81
CA SER B 165 -26.42 21.20 8.71
C SER B 165 -27.50 21.09 7.64
N LYS B 166 -27.07 21.12 6.38
CA LYS B 166 -27.97 21.11 5.23
C LYS B 166 -27.31 20.33 4.09
N TYR B 167 -28.14 19.81 3.19
CA TYR B 167 -27.65 19.18 1.98
C TYR B 167 -27.08 20.22 1.02
N ALA B 168 -26.04 19.82 0.29
CA ALA B 168 -25.34 20.71 -0.63
C ALA B 168 -26.27 21.24 -1.73
N LEU B 178 -31.04 34.38 3.87
N LEU B 178 -31.03 34.39 3.88
CA LEU B 178 -29.66 34.72 3.53
CA LEU B 178 -29.65 34.71 3.53
C LEU B 178 -29.17 35.94 4.29
C LEU B 178 -29.17 35.94 4.30
N GLU B 179 -28.98 35.79 5.60
CA GLU B 179 -28.53 36.89 6.45
C GLU B 179 -27.18 36.59 7.08
N VAL B 180 -27.04 36.86 8.37
CA VAL B 180 -25.82 36.50 9.09
C VAL B 180 -25.70 34.98 9.16
N ARG B 181 -24.49 34.48 9.04
CA ARG B 181 -24.27 33.05 8.93
C ARG B 181 -22.99 32.69 9.68
N GLY B 182 -22.86 31.41 10.03
CA GLY B 182 -21.67 30.91 10.71
C GLY B 182 -21.46 31.63 12.03
N THR B 183 -20.19 31.91 12.32
CA THR B 183 -19.76 32.59 13.53
C THR B 183 -18.69 33.59 13.15
N ALA B 184 -18.75 34.78 13.74
CA ALA B 184 -17.69 35.79 13.58
C ALA B 184 -16.31 35.16 13.77
N GLY B 185 -15.44 35.35 12.79
CA GLY B 185 -14.11 34.77 12.80
C GLY B 185 -13.93 33.61 11.84
N TYR B 186 -15.04 32.99 11.43
CA TYR B 186 -15.03 31.78 10.61
C TYR B 186 -15.77 31.91 9.30
N LEU B 187 -16.46 33.02 9.04
CA LEU B 187 -17.35 33.11 7.90
C LEU B 187 -16.56 33.28 6.61
N ASP B 188 -16.83 32.41 5.64
CA ASP B 188 -16.34 32.49 4.27
C ASP B 188 -16.41 33.93 3.77
N PRO B 189 -15.26 34.58 3.52
CA PRO B 189 -15.28 35.97 3.07
C PRO B 189 -15.97 36.19 1.73
N GLU B 190 -16.24 35.13 0.98
CA GLU B 190 -16.95 35.26 -0.28
C GLU B 190 -18.46 35.22 -0.12
N TYR B 191 -18.97 34.89 1.07
CA TYR B 191 -20.41 34.63 1.24
C TYR B 191 -21.25 35.85 0.89
N TYR B 192 -20.80 37.05 1.29
CA TYR B 192 -21.71 38.15 1.01
C TYR B 192 -21.70 38.56 -0.46
N LYS B 193 -20.88 37.92 -1.29
CA LYS B 193 -20.98 38.04 -2.74
C LYS B 193 -21.75 36.86 -3.35
N THR B 194 -21.41 35.62 -2.99
CA THR B 194 -22.18 34.48 -3.51
C THR B 194 -23.57 34.38 -2.88
N GLN B 195 -23.72 34.81 -1.62
CA GLN B 195 -24.95 34.66 -0.85
C GLN B 195 -25.33 33.20 -0.65
N GLN B 196 -24.36 32.29 -0.73
CA GLN B 196 -24.61 30.87 -0.52
C GLN B 196 -23.38 30.24 0.13
N LEU B 197 -23.60 29.33 1.07
CA LEU B 197 -22.54 28.56 1.68
C LEU B 197 -22.45 27.19 1.01
N SER B 198 -21.23 26.71 0.86
CA SER B 198 -20.95 25.47 0.15
C SER B 198 -19.99 24.61 0.96
N GLU B 199 -19.58 23.47 0.41
CA GLU B 199 -18.49 22.73 1.03
C GLU B 199 -17.25 23.61 1.21
N LYS B 200 -16.92 24.39 0.18
CA LYS B 200 -15.72 25.22 0.24
C LYS B 200 -15.81 26.30 1.31
N SER B 201 -17.02 26.63 1.76
CA SER B 201 -17.16 27.53 2.91
C SER B 201 -16.83 26.82 4.21
N ASP B 202 -17.24 25.55 4.35
CA ASP B 202 -16.76 24.71 5.45
C ASP B 202 -15.23 24.62 5.46
N VAL B 203 -14.61 24.55 4.27
CA VAL B 203 -13.15 24.46 4.19
C VAL B 203 -12.52 25.74 4.70
N PHE B 204 -13.11 26.90 4.39
CA PHE B 204 -12.54 28.15 4.89
C PHE B 204 -12.55 28.18 6.41
N SER B 205 -13.69 27.83 7.01
CA SER B 205 -13.76 27.83 8.47
C SER B 205 -12.78 26.84 9.06
N PHE B 206 -12.57 25.70 8.39
CA PHE B 206 -11.57 24.74 8.86
C PHE B 206 -10.17 25.34 8.84
N GLY B 207 -9.85 26.13 7.82
CA GLY B 207 -8.59 26.85 7.80
C GLY B 207 -8.35 27.70 9.04
N VAL B 208 -9.41 28.37 9.53
CA VAL B 208 -9.29 29.13 10.78
C VAL B 208 -9.05 28.20 11.95
N VAL B 209 -9.78 27.09 12.02
CA VAL B 209 -9.56 26.10 13.08
C VAL B 209 -8.10 25.64 13.09
N LEU B 210 -7.50 25.47 11.91
CA LEU B 210 -6.10 25.05 11.84
C LEU B 210 -5.16 26.11 12.43
N LEU B 211 -5.45 27.39 12.19
CA LEU B 211 -4.64 28.44 12.80
C LEU B 211 -4.82 28.50 14.32
N GLU B 212 -6.03 28.20 14.81
CA GLU B 212 -6.26 28.11 16.27
C GLU B 212 -5.40 27.01 16.88
N ILE B 213 -5.39 25.85 16.24
CA ILE B 213 -4.61 24.71 16.73
C ILE B 213 -3.13 25.06 16.75
N VAL B 214 -2.65 25.76 15.72
CA VAL B 214 -1.23 26.09 15.63
C VAL B 214 -0.86 27.19 16.63
N SER B 215 -1.71 28.23 16.72
CA SER B 215 -1.35 29.41 17.50
C SER B 215 -1.81 29.34 18.94
N GLY B 216 -2.80 28.50 19.24
CA GLY B 216 -3.42 28.53 20.54
C GLY B 216 -4.31 29.73 20.80
N ARG B 217 -4.68 30.51 19.78
CA ARG B 217 -5.40 31.77 19.96
C ARG B 217 -6.83 31.71 19.40
N GLU B 218 -7.75 32.49 20.01
CA GLU B 218 -9.08 32.57 19.43
C GLU B 218 -9.07 33.42 18.15
N PRO B 219 -10.01 33.18 17.24
CA PRO B 219 -9.98 33.93 15.96
C PRO B 219 -10.01 35.45 16.11
N LEU B 220 -10.78 35.99 17.04
CA LEU B 220 -10.93 37.44 17.20
C LEU B 220 -10.83 37.75 18.69
N ASN B 221 -10.05 38.77 19.05
CA ASN B 221 -9.88 39.11 20.46
C ASN B 221 -9.50 40.58 20.58
N ILE B 222 -10.44 41.43 20.98
CA ILE B 222 -10.18 42.86 21.04
C ILE B 222 -9.27 43.24 22.20
N LYS B 223 -9.08 42.33 23.18
CA LYS B 223 -8.13 42.59 24.27
C LYS B 223 -6.67 42.48 23.82
N ARG B 224 -6.39 41.80 22.72
CA ARG B 224 -5.04 41.75 22.16
C ARG B 224 -4.68 43.13 21.59
N PRO B 225 -3.41 43.37 21.27
CA PRO B 225 -3.07 44.63 20.57
C PRO B 225 -3.76 44.66 19.21
N ARG B 226 -4.02 45.88 18.72
CA ARG B 226 -4.86 46.05 17.54
C ARG B 226 -4.30 45.29 16.33
N THR B 227 -2.98 45.26 16.17
CA THR B 227 -2.41 44.47 15.09
C THR B 227 -2.76 42.99 15.22
N GLU B 228 -3.07 42.52 16.43
CA GLU B 228 -3.31 41.10 16.67
C GLU B 228 -4.78 40.78 16.91
N TRP B 229 -5.70 41.70 16.61
CA TRP B 229 -7.11 41.49 16.92
C TRP B 229 -7.67 40.27 16.19
N SER B 230 -7.23 40.06 14.95
CA SER B 230 -7.74 38.99 14.11
C SER B 230 -6.64 37.96 13.88
N LEU B 231 -6.95 36.70 14.16
CA LEU B 231 -5.95 35.65 14.06
C LEU B 231 -5.49 35.47 12.61
N VAL B 232 -6.41 35.46 11.65
CA VAL B 232 -6.05 35.27 10.24
C VAL B 232 -5.18 36.41 9.74
N GLU B 233 -5.59 37.66 9.97
CA GLU B 233 -4.84 38.81 9.43
C GLU B 233 -3.47 38.95 10.07
N TRP B 234 -3.34 38.58 11.34
CA TRP B 234 -2.06 38.68 12.03
C TRP B 234 -1.10 37.58 11.62
N ALA B 235 -1.60 36.34 11.49
CA ALA B 235 -0.76 35.18 11.23
C ALA B 235 -0.29 35.10 9.77
N THR B 236 -1.15 35.47 8.83
CA THR B 236 -0.87 35.28 7.41
C THR B 236 0.47 35.85 6.96
N PRO B 237 0.84 37.10 7.31
CA PRO B 237 2.15 37.61 6.86
C PRO B 237 3.33 36.82 7.39
N TYR B 238 3.21 36.23 8.58
CA TYR B 238 4.29 35.40 9.09
C TYR B 238 4.42 34.11 8.31
N ILE B 239 3.30 33.47 7.97
CA ILE B 239 3.34 32.24 7.18
C ILE B 239 3.97 32.51 5.82
N ARG B 240 3.47 33.52 5.11
CA ARG B 240 4.01 33.84 3.79
C ARG B 240 5.39 34.47 3.89
N GLY B 241 5.78 34.94 5.06
CA GLY B 241 7.09 35.55 5.24
C GLY B 241 8.11 34.63 5.88
N SER B 242 7.90 33.32 5.76
CA SER B 242 8.90 32.33 6.17
C SER B 242 9.22 32.39 7.66
N LYS B 243 8.24 32.74 8.50
CA LYS B 243 8.49 32.92 9.93
C LYS B 243 7.36 32.29 10.75
N VAL B 244 7.09 31.02 10.48
CA VAL B 244 6.00 30.32 11.16
C VAL B 244 6.23 30.27 12.66
N ASP B 245 7.50 30.22 13.10
CA ASP B 245 7.79 30.12 14.52
C ASP B 245 7.10 31.23 15.32
N GLU B 246 6.91 32.39 14.71
CA GLU B 246 6.37 33.54 15.44
C GLU B 246 4.91 33.36 15.80
N ILE B 247 4.14 32.58 15.04
CA ILE B 247 2.71 32.43 15.33
C ILE B 247 2.41 31.19 16.16
N VAL B 248 3.40 30.32 16.41
CA VAL B 248 3.12 29.06 17.07
C VAL B 248 2.87 29.30 18.56
N ASP B 249 1.88 28.59 19.10
CA ASP B 249 1.56 28.60 20.52
C ASP B 249 2.83 28.37 21.36
N PRO B 250 3.18 29.29 22.27
CA PRO B 250 4.40 29.11 23.07
C PRO B 250 4.41 27.81 23.87
N GLY B 251 3.23 27.28 24.22
CA GLY B 251 3.16 26.02 24.93
C GLY B 251 3.70 24.84 24.15
N ILE B 252 3.90 24.98 22.84
CA ILE B 252 4.49 23.89 22.07
C ILE B 252 5.77 24.32 21.35
N LYS B 253 6.43 25.38 21.83
CA LYS B 253 7.72 25.73 21.26
C LYS B 253 8.67 24.55 21.40
N GLY B 254 9.38 24.23 20.32
CA GLY B 254 10.27 23.09 20.27
C GLY B 254 9.59 21.74 20.25
N GLY B 255 8.26 21.69 20.29
CA GLY B 255 7.54 20.43 20.37
C GLY B 255 7.00 19.94 19.04
N TYR B 256 7.55 20.43 17.93
CA TYR B 256 7.11 20.02 16.61
C TYR B 256 8.30 19.88 15.67
N HIS B 257 8.13 19.04 14.64
CA HIS B 257 9.07 19.01 13.52
C HIS B 257 8.72 20.16 12.57
N ALA B 258 9.74 20.93 12.16
CA ALA B 258 9.49 22.10 11.33
C ALA B 258 8.71 21.73 10.07
N GLU B 259 9.08 20.62 9.43
CA GLU B 259 8.41 20.22 8.18
C GLU B 259 6.92 19.95 8.40
N ALA B 260 6.56 19.28 9.49
CA ALA B 260 5.15 18.99 9.75
C ALA B 260 4.36 20.26 10.07
N MET B 261 4.96 21.18 10.81
CA MET B 261 4.30 22.44 11.11
C MET B 261 4.12 23.26 9.83
N TRP B 262 5.13 23.27 8.95
CA TRP B 262 5.04 24.07 7.73
C TRP B 262 4.01 23.50 6.77
N ARG B 263 3.91 22.17 6.63
CA ARG B 263 2.86 21.60 5.79
C ARG B 263 1.48 21.89 6.36
N VAL B 264 1.35 21.96 7.67
CA VAL B 264 0.05 22.23 8.28
C VAL B 264 -0.39 23.67 8.01
N VAL B 265 0.52 24.64 8.19
CA VAL B 265 0.13 26.04 7.98
C VAL B 265 -0.03 26.32 6.49
N GLU B 266 0.64 25.56 5.62
CA GLU B 266 0.42 25.74 4.19
C GLU B 266 -0.96 25.27 3.79
N VAL B 267 -1.42 24.17 4.37
CA VAL B 267 -2.80 23.74 4.13
C VAL B 267 -3.77 24.77 4.67
N ALA B 268 -3.49 25.32 5.86
CA ALA B 268 -4.37 26.35 6.43
C ALA B 268 -4.43 27.58 5.53
N LEU B 269 -3.29 28.02 5.03
CA LEU B 269 -3.26 29.17 4.13
C LEU B 269 -4.05 28.89 2.85
N GLN B 270 -4.00 27.66 2.35
CA GLN B 270 -4.81 27.33 1.16
C GLN B 270 -6.30 27.30 1.47
N CYS B 271 -6.68 26.78 2.65
CA CYS B 271 -8.09 26.85 3.06
C CYS B 271 -8.59 28.28 3.15
N LEU B 272 -7.72 29.21 3.52
CA LEU B 272 -8.07 30.59 3.78
C LEU B 272 -8.07 31.45 2.52
N GLU B 273 -7.96 30.84 1.35
CA GLU B 273 -8.05 31.59 0.10
C GLU B 273 -9.40 32.33 0.04
N PRO B 274 -9.42 33.57 -0.43
CA PRO B 274 -10.68 34.33 -0.44
C PRO B 274 -11.67 33.86 -1.49
N PHE B 275 -11.22 33.14 -2.51
CA PHE B 275 -12.10 32.65 -3.57
C PHE B 275 -12.16 31.13 -3.50
N SER B 276 -13.39 30.60 -3.62
CA SER B 276 -13.62 29.21 -3.24
C SER B 276 -12.85 28.23 -4.11
N THR B 277 -12.75 28.47 -5.43
CA THR B 277 -12.17 27.44 -6.28
C THR B 277 -10.69 27.19 -5.99
N TYR B 278 -10.03 28.10 -5.28
CA TYR B 278 -8.61 27.93 -4.93
C TYR B 278 -8.40 27.17 -3.64
N ARG B 279 -9.46 26.89 -2.88
CA ARG B 279 -9.40 26.09 -1.67
C ARG B 279 -9.37 24.61 -2.02
N PRO B 280 -8.63 23.80 -1.26
CA PRO B 280 -8.68 22.35 -1.47
C PRO B 280 -9.97 21.75 -0.95
N SER B 281 -10.27 20.55 -1.44
CA SER B 281 -11.33 19.74 -0.88
C SER B 281 -10.91 19.19 0.48
N MET B 282 -11.90 18.74 1.25
CA MET B 282 -11.57 18.14 2.55
C MET B 282 -10.81 16.83 2.38
N VAL B 283 -11.17 16.06 1.34
CA VAL B 283 -10.45 14.83 1.03
C VAL B 283 -8.96 15.10 0.84
N ALA B 284 -8.62 16.19 0.14
CA ALA B 284 -7.21 16.52 -0.07
C ALA B 284 -6.54 16.98 1.22
N ILE B 285 -7.28 17.70 2.06
CA ILE B 285 -6.74 18.15 3.35
C ILE B 285 -6.44 16.96 4.24
N VAL B 286 -7.34 15.98 4.27
CA VAL B 286 -7.12 14.76 5.05
C VAL B 286 -5.78 14.12 4.67
N ARG B 287 -5.52 14.01 3.38
CA ARG B 287 -4.28 13.36 2.93
C ARG B 287 -3.05 14.15 3.35
N GLU B 288 -3.08 15.48 3.20
CA GLU B 288 -2.00 16.35 3.69
C GLU B 288 -1.77 16.16 5.19
N LEU B 289 -2.84 16.19 5.99
CA LEU B 289 -2.70 16.05 7.43
C LEU B 289 -2.21 14.67 7.83
N GLU B 290 -2.60 13.63 7.06
CA GLU B 290 -2.07 12.30 7.31
C GLU B 290 -0.55 12.26 7.13
N ASP B 291 -0.04 12.89 6.05
CA ASP B 291 1.40 12.91 5.82
C ASP B 291 2.12 13.72 6.90
N ALA B 292 1.55 14.88 7.30
CA ALA B 292 2.18 15.69 8.35
C ALA B 292 2.24 14.92 9.67
N LEU B 293 1.18 14.17 9.98
CA LEU B 293 1.18 13.38 11.20
C LEU B 293 2.27 12.31 11.18
N ILE B 294 2.42 11.59 10.07
CA ILE B 294 3.49 10.60 9.98
C ILE B 294 4.85 11.26 10.10
N ILE B 295 5.04 12.40 9.41
CA ILE B 295 6.32 13.09 9.43
C ILE B 295 6.67 13.53 10.84
N GLU B 296 5.67 13.98 11.60
CA GLU B 296 5.89 14.39 12.99
C GLU B 296 6.23 13.19 13.84
N ASN B 297 5.60 12.05 13.58
CA ASN B 297 5.84 10.86 14.39
C ASN B 297 7.23 10.29 14.14
N ASN B 298 7.88 10.64 13.04
CA ASN B 298 9.23 10.18 12.74
C ASN B 298 10.27 10.77 13.69
N SER C 1 19.05 -14.36 8.50
CA SER C 1 18.45 -13.77 7.31
C SER C 1 18.18 -14.84 6.26
N VAL C 2 17.69 -16.00 6.72
CA VAL C 2 17.37 -17.13 5.86
C VAL C 2 18.59 -17.54 5.06
N SER C 3 19.73 -17.69 5.74
CA SER C 3 20.91 -18.29 5.14
C SER C 3 20.79 -19.81 5.14
N ILE C 4 21.60 -20.47 4.33
CA ILE C 4 21.70 -21.93 4.36
C ILE C 4 23.13 -22.29 4.72
N GLN C 5 23.30 -23.42 5.40
CA GLN C 5 24.60 -23.78 5.92
C GLN C 5 25.34 -24.67 4.93
N ALA C 6 26.64 -24.45 4.81
CA ALA C 6 27.50 -25.40 4.12
C ALA C 6 28.06 -26.36 5.16
N PHE C 7 27.77 -27.65 5.00
CA PHE C 7 28.25 -28.69 5.91
C PHE C 7 29.41 -29.44 5.28
N THR C 8 30.35 -29.87 6.11
CA THR C 8 31.40 -30.77 5.66
C THR C 8 30.87 -32.19 5.58
N LEU C 9 31.64 -33.07 4.91
CA LEU C 9 31.24 -34.47 4.85
C LEU C 9 31.30 -35.11 6.22
N GLU C 10 32.30 -34.72 7.03
CA GLU C 10 32.42 -35.23 8.39
C GLU C 10 31.23 -34.81 9.26
N TYR C 11 30.79 -33.56 9.13
CA TYR C 11 29.59 -33.11 9.85
C TYR C 11 28.39 -33.97 9.47
N ILE C 12 28.20 -34.22 8.17
CA ILE C 12 27.06 -35.02 7.72
C ILE C 12 27.18 -36.45 8.25
N GLU C 13 28.39 -37.00 8.27
CA GLU C 13 28.58 -38.35 8.77
C GLU C 13 28.20 -38.46 10.25
N VAL C 14 28.64 -37.49 11.06
CA VAL C 14 28.24 -37.46 12.47
C VAL C 14 26.72 -37.28 12.60
N ALA C 15 26.16 -36.33 11.84
CA ALA C 15 24.75 -35.98 12.00
C ALA C 15 23.82 -37.13 11.65
N THR C 16 24.23 -37.98 10.72
CA THR C 16 23.48 -39.16 10.33
C THR C 16 23.91 -40.41 11.07
N GLU C 17 24.89 -40.29 11.96
CA GLU C 17 25.54 -41.45 12.60
C GLU C 17 25.97 -42.45 11.53
N ARG C 18 26.79 -41.97 10.60
CA ARG C 18 27.28 -42.77 9.47
C ARG C 18 26.13 -43.35 8.65
N TYR C 19 25.12 -42.52 8.38
CA TYR C 19 24.02 -42.91 7.49
C TYR C 19 23.32 -44.17 7.99
N LYS C 20 22.99 -44.18 9.28
CA LYS C 20 22.47 -45.39 9.92
C LYS C 20 21.04 -45.70 9.46
N THR C 21 20.20 -44.67 9.33
CA THR C 21 18.76 -44.87 9.14
C THR C 21 18.33 -44.26 7.82
N LEU C 22 17.94 -45.11 6.88
CA LEU C 22 17.59 -44.71 5.52
C LEU C 22 16.10 -44.37 5.45
N ILE C 23 15.79 -43.13 5.05
CA ILE C 23 14.40 -42.71 4.93
C ILE C 23 13.80 -43.19 3.61
N GLY C 24 14.53 -43.06 2.51
CA GLY C 24 14.04 -43.44 1.20
C GLY C 24 15.15 -43.50 0.19
N GLU C 25 14.86 -44.13 -0.95
CA GLU C 25 15.83 -44.32 -2.02
C GLU C 25 15.14 -44.09 -3.36
N GLY C 26 15.90 -44.33 -4.43
CA GLY C 26 15.39 -44.17 -5.78
C GLY C 26 16.49 -43.74 -6.71
N GLY C 27 16.09 -43.35 -7.93
CA GLY C 27 17.05 -42.89 -8.92
C GLY C 27 17.71 -41.58 -8.54
N PHE C 28 17.02 -40.75 -7.76
CA PHE C 28 17.56 -39.47 -7.30
C PHE C 28 18.75 -39.66 -6.36
N GLY C 29 18.77 -40.78 -5.62
CA GLY C 29 19.72 -40.96 -4.54
C GLY C 29 19.11 -41.60 -3.31
N SER C 30 19.69 -41.33 -2.15
CA SER C 30 19.23 -41.88 -0.88
C SER C 30 18.98 -40.75 0.10
N VAL C 31 18.01 -40.93 0.98
CA VAL C 31 17.69 -39.96 2.01
C VAL C 31 17.91 -40.63 3.37
N TYR C 32 18.55 -39.92 4.28
CA TYR C 32 18.87 -40.43 5.60
C TYR C 32 18.36 -39.45 6.66
N ARG C 33 17.87 -39.99 7.76
CA ARG C 33 17.53 -39.18 8.92
C ARG C 33 18.80 -38.70 9.63
N GLY C 34 18.72 -37.51 10.21
CA GLY C 34 19.84 -36.93 10.91
C GLY C 34 19.38 -35.93 11.95
N THR C 35 20.36 -35.41 12.70
CA THR C 35 20.13 -34.41 13.73
C THR C 35 21.29 -33.43 13.68
N LEU C 36 20.99 -32.14 13.55
CA LEU C 36 22.04 -31.14 13.57
C LEU C 36 22.53 -30.93 15.01
N ASN C 37 23.59 -30.14 15.14
CA ASN C 37 24.15 -29.85 16.46
C ASN C 37 23.14 -29.16 17.36
N ASP C 38 22.29 -28.29 16.81
CA ASP C 38 21.27 -27.65 17.61
C ASP C 38 20.09 -28.58 17.93
N GLY C 39 20.15 -29.83 17.49
CA GLY C 39 19.09 -30.77 17.73
C GLY C 39 17.98 -30.77 16.70
N GLN C 40 18.16 -30.07 15.59
CA GLN C 40 17.14 -30.03 14.56
C GLN C 40 17.11 -31.34 13.79
N GLU C 41 15.96 -32.00 13.78
CA GLU C 41 15.81 -33.24 13.04
C GLU C 41 15.78 -32.93 11.55
N VAL C 42 16.57 -33.68 10.76
CA VAL C 42 16.74 -33.36 9.36
C VAL C 42 16.61 -34.61 8.50
N ALA C 43 16.37 -34.38 7.21
CA ALA C 43 16.42 -35.39 6.18
C ALA C 43 17.56 -35.03 5.23
N VAL C 44 18.48 -35.97 5.04
CA VAL C 44 19.74 -35.71 4.34
C VAL C 44 19.71 -36.49 3.03
N LYS C 45 19.69 -35.77 1.91
CA LYS C 45 19.57 -36.38 0.60
C LYS C 45 20.94 -36.38 -0.06
N VAL C 46 21.46 -37.58 -0.27
CA VAL C 46 22.71 -37.81 -0.99
C VAL C 46 22.33 -38.07 -2.44
N ARG C 47 22.70 -37.16 -3.32
CA ARG C 47 22.35 -37.32 -4.73
C ARG C 47 23.16 -38.44 -5.36
N SER C 48 22.49 -39.25 -6.17
CA SER C 48 23.18 -40.28 -6.93
C SER C 48 24.08 -39.63 -7.98
N ALA C 49 25.05 -40.40 -8.46
CA ALA C 49 25.98 -39.92 -9.48
C ALA C 49 25.25 -39.35 -10.69
N THR C 50 24.18 -40.02 -11.13
CA THR C 50 23.44 -39.54 -12.29
C THR C 50 22.71 -38.23 -11.98
N SER C 51 22.38 -37.97 -10.71
CA SER C 51 21.72 -36.73 -10.32
C SER C 51 22.70 -35.61 -9.98
N THR C 52 23.98 -35.90 -9.89
CA THR C 52 24.95 -34.83 -9.66
C THR C 52 25.13 -34.02 -10.94
N GLN C 53 25.41 -32.74 -10.77
CA GLN C 53 25.68 -31.84 -11.88
C GLN C 53 27.05 -31.19 -11.66
N GLY C 54 27.46 -30.39 -12.64
CA GLY C 54 28.71 -29.65 -12.49
C GLY C 54 28.62 -28.63 -11.37
N THR C 55 29.78 -28.10 -11.01
CA THR C 55 29.83 -27.13 -9.92
C THR C 55 28.99 -25.90 -10.24
N ARG C 56 28.99 -25.45 -11.51
CA ARG C 56 28.20 -24.28 -11.88
C ARG C 56 26.71 -24.56 -11.81
N GLU C 57 26.28 -25.73 -12.31
CA GLU C 57 24.86 -26.04 -12.29
C GLU C 57 24.36 -26.20 -10.86
N PHE C 58 25.15 -26.85 -10.01
CA PHE C 58 24.75 -27.00 -8.61
C PHE C 58 24.73 -25.66 -7.88
N ASP C 59 25.68 -24.77 -8.22
CA ASP C 59 25.70 -23.45 -7.60
C ASP C 59 24.43 -22.67 -7.94
N ASN C 60 24.02 -22.69 -9.22
CA ASN C 60 22.76 -22.05 -9.61
C ASN C 60 21.59 -22.67 -8.86
N GLU C 61 21.55 -23.99 -8.78
CA GLU C 61 20.47 -24.66 -8.06
C GLU C 61 20.39 -24.19 -6.61
N LEU C 62 21.54 -24.13 -5.93
CA LEU C 62 21.57 -23.65 -4.55
C LEU C 62 21.12 -22.19 -4.46
N ASN C 63 21.58 -21.35 -5.38
CA ASN C 63 21.10 -19.97 -5.40
C ASN C 63 19.57 -19.92 -5.54
N LEU C 64 19.02 -20.80 -6.38
CA LEU C 64 17.57 -20.85 -6.55
C LEU C 64 16.86 -21.38 -5.30
N LEU C 65 17.32 -22.52 -4.78
CA LEU C 65 16.67 -23.14 -3.62
C LEU C 65 16.77 -22.27 -2.38
N SER C 66 17.88 -21.54 -2.22
CA SER C 66 17.97 -20.62 -1.09
C SER C 66 17.06 -19.40 -1.26
N ALA C 67 16.52 -19.17 -2.45
CA ALA C 67 15.65 -18.01 -2.68
C ALA C 67 14.17 -18.38 -2.64
N ILE C 68 13.84 -19.65 -2.63
CA ILE C 68 12.47 -20.14 -2.60
C ILE C 68 12.04 -20.29 -1.14
N GLN C 69 10.93 -19.64 -0.78
N GLN C 69 10.93 -19.64 -0.78
CA GLN C 69 10.42 -19.69 0.59
CA GLN C 69 10.43 -19.71 0.60
C GLN C 69 8.90 -19.62 0.53
C GLN C 69 8.90 -19.62 0.54
N HIS C 70 8.24 -20.70 0.94
CA HIS C 70 6.78 -20.76 0.97
C HIS C 70 6.36 -21.79 2.00
N GLU C 71 5.21 -21.56 2.64
CA GLU C 71 4.76 -22.42 3.72
C GLU C 71 4.36 -23.81 3.24
N ASN C 72 4.17 -24.02 1.93
CA ASN C 72 3.81 -25.30 1.38
C ASN C 72 4.95 -25.90 0.54
N LEU C 73 6.19 -25.51 0.81
CA LEU C 73 7.37 -26.06 0.14
C LEU C 73 8.40 -26.40 1.20
N VAL C 74 8.98 -27.59 1.11
CA VAL C 74 10.03 -28.01 2.04
C VAL C 74 11.21 -27.06 1.87
N PRO C 75 11.65 -26.36 2.93
CA PRO C 75 12.79 -25.43 2.77
C PRO C 75 14.13 -26.15 2.83
N LEU C 76 15.10 -25.59 2.11
CA LEU C 76 16.47 -26.08 2.15
C LEU C 76 17.19 -25.49 3.35
N LEU C 77 17.74 -26.35 4.22
CA LEU C 77 18.50 -25.86 5.37
C LEU C 77 20.00 -25.76 5.10
N GLY C 78 20.53 -26.59 4.22
CA GLY C 78 21.97 -26.58 4.04
C GLY C 78 22.35 -27.56 2.95
N TYR C 79 23.66 -27.69 2.76
CA TYR C 79 24.16 -28.52 1.67
C TYR C 79 25.57 -28.97 1.99
N CYS C 80 26.05 -29.90 1.16
CA CYS C 80 27.47 -30.24 1.15
C CYS C 80 27.84 -30.54 -0.30
N ASN C 81 28.88 -29.87 -0.80
CA ASN C 81 29.44 -30.17 -2.12
C ASN C 81 30.95 -30.32 -1.91
N GLU C 82 31.39 -31.56 -1.79
CA GLU C 82 32.77 -31.82 -1.41
C GLU C 82 33.15 -33.16 -1.99
N SER C 83 34.36 -33.23 -2.55
CA SER C 83 34.88 -34.46 -3.16
C SER C 83 33.87 -35.08 -4.13
N ASP C 84 33.24 -34.21 -4.93
CA ASP C 84 32.32 -34.61 -5.98
C ASP C 84 31.06 -35.25 -5.44
N GLN C 85 30.77 -35.05 -4.15
CA GLN C 85 29.54 -35.52 -3.53
C GLN C 85 28.62 -34.34 -3.29
N GLN C 86 27.37 -34.44 -3.76
CA GLN C 86 26.36 -33.41 -3.59
C GLN C 86 25.30 -33.90 -2.63
N ILE C 87 25.09 -33.14 -1.55
CA ILE C 87 24.18 -33.51 -0.46
C ILE C 87 23.31 -32.30 -0.14
N LEU C 88 22.00 -32.52 -0.02
CA LEU C 88 21.04 -31.49 0.36
C LEU C 88 20.37 -31.85 1.67
N VAL C 89 20.22 -30.87 2.56
CA VAL C 89 19.71 -31.09 3.91
C VAL C 89 18.41 -30.30 4.10
N TYR C 90 17.35 -31.01 4.46
CA TYR C 90 16.01 -30.46 4.67
C TYR C 90 15.53 -30.79 6.07
N PRO C 91 14.52 -30.09 6.59
CA PRO C 91 13.94 -30.49 7.87
C PRO C 91 13.22 -31.83 7.74
N PHE C 92 13.28 -32.62 8.80
CA PHE C 92 12.55 -33.89 8.82
C PHE C 92 11.05 -33.64 8.99
N MET C 93 10.26 -34.23 8.09
CA MET C 93 8.80 -34.08 8.07
C MET C 93 8.19 -35.29 8.77
N SER C 94 7.69 -35.09 10.00
CA SER C 94 7.43 -36.22 10.89
C SER C 94 6.28 -37.11 10.43
N ASN C 95 5.33 -36.58 9.66
CA ASN C 95 4.18 -37.38 9.27
C ASN C 95 4.34 -38.05 7.90
N GLY C 96 5.56 -38.05 7.36
CA GLY C 96 5.84 -38.80 6.16
C GLY C 96 5.21 -38.17 4.92
N SER C 97 4.97 -39.02 3.93
CA SER C 97 4.42 -38.57 2.65
C SER C 97 2.92 -38.76 2.61
N LEU C 98 2.28 -37.96 1.75
CA LEU C 98 0.87 -38.16 1.43
C LEU C 98 0.61 -39.58 0.93
N GLN C 99 1.50 -40.09 0.08
CA GLN C 99 1.36 -41.46 -0.40
C GLN C 99 1.22 -42.45 0.75
N ASP C 100 2.11 -42.35 1.74
CA ASP C 100 2.09 -43.32 2.84
C ASP C 100 0.81 -43.22 3.67
N ARG C 101 0.21 -42.03 3.76
CA ARG C 101 -1.01 -41.85 4.54
C ARG C 101 -2.26 -42.21 3.76
N LEU C 102 -2.20 -42.32 2.44
CA LEU C 102 -3.34 -42.75 1.65
C LEU C 102 -3.39 -44.27 1.48
N TYR C 103 -2.25 -44.92 1.28
CA TYR C 103 -2.28 -46.35 1.05
C TYR C 103 -0.97 -47.02 1.42
N GLY C 104 -0.14 -46.38 2.25
CA GLY C 104 1.02 -47.01 2.83
C GLY C 104 0.71 -47.57 4.21
N GLU C 105 1.78 -47.79 4.99
CA GLU C 105 1.62 -48.37 6.32
C GLU C 105 0.78 -47.52 7.27
N PRO C 106 0.94 -46.19 7.34
CA PRO C 106 0.05 -45.40 8.21
C PRO C 106 -1.43 -45.53 7.88
N ALA C 107 -1.78 -45.68 6.60
CA ALA C 107 -3.17 -45.87 6.22
C ALA C 107 -3.77 -47.11 6.86
N LYS C 108 -2.95 -48.12 7.16
CA LYS C 108 -3.45 -49.32 7.82
C LYS C 108 -3.70 -49.10 9.32
N ARG C 109 -3.27 -47.98 9.87
CA ARG C 109 -3.49 -47.66 11.28
C ARG C 109 -4.62 -46.64 11.46
N LYS C 110 -4.52 -45.49 10.80
CA LYS C 110 -5.53 -44.43 10.95
C LYS C 110 -5.82 -43.79 9.60
N ILE C 111 -7.10 -43.64 9.29
CA ILE C 111 -7.52 -43.09 8.01
C ILE C 111 -7.32 -41.57 8.01
N LEU C 112 -6.90 -41.04 6.88
CA LEU C 112 -6.89 -39.59 6.64
C LEU C 112 -8.30 -39.16 6.28
N ASP C 113 -8.94 -38.33 7.11
CA ASP C 113 -10.32 -37.95 6.79
C ASP C 113 -10.36 -36.92 5.66
N TRP C 114 -11.56 -36.69 5.15
CA TRP C 114 -11.72 -35.90 3.93
C TRP C 114 -11.38 -34.42 4.15
N PRO C 115 -11.81 -33.76 5.23
CA PRO C 115 -11.37 -32.36 5.42
C PRO C 115 -9.85 -32.20 5.48
N THR C 116 -9.13 -33.16 6.07
CA THR C 116 -7.67 -33.08 6.06
C THR C 116 -7.12 -33.30 4.66
N ARG C 117 -7.73 -34.20 3.88
CA ARG C 117 -7.26 -34.42 2.51
C ARG C 117 -7.43 -33.17 1.67
N LEU C 118 -8.57 -32.50 1.80
CA LEU C 118 -8.81 -31.29 1.04
C LEU C 118 -7.83 -30.19 1.43
N SER C 119 -7.57 -30.03 2.73
CA SER C 119 -6.53 -29.14 3.22
C SER C 119 -5.16 -29.49 2.62
N ILE C 120 -4.85 -30.77 2.51
CA ILE C 120 -3.57 -31.16 1.93
C ILE C 120 -3.52 -30.84 0.44
N ALA C 121 -4.58 -31.18 -0.28
CA ALA C 121 -4.62 -30.85 -1.70
C ALA C 121 -4.45 -29.35 -1.93
N LEU C 122 -5.11 -28.52 -1.09
CA LEU C 122 -4.99 -27.07 -1.26
C LEU C 122 -3.58 -26.58 -0.96
N GLY C 123 -2.97 -27.08 0.11
CA GLY C 123 -1.59 -26.70 0.40
C GLY C 123 -0.60 -27.10 -0.70
N ALA C 124 -0.75 -28.31 -1.23
CA ALA C 124 0.16 -28.73 -2.30
C ALA C 124 -0.07 -27.90 -3.55
N ALA C 125 -1.33 -27.56 -3.85
CA ALA C 125 -1.60 -26.66 -4.97
C ALA C 125 -0.95 -25.30 -4.78
N ARG C 126 -0.97 -24.79 -3.54
CA ARG C 126 -0.40 -23.46 -3.29
C ARG C 126 1.10 -23.47 -3.46
N GLY C 127 1.76 -24.51 -2.96
CA GLY C 127 3.19 -24.65 -3.20
C GLY C 127 3.54 -24.74 -4.67
N LEU C 128 2.78 -25.54 -5.42
CA LEU C 128 3.00 -25.65 -6.85
C LEU C 128 2.75 -24.32 -7.56
N ALA C 129 1.65 -23.65 -7.21
CA ALA C 129 1.39 -22.34 -7.80
C ALA C 129 2.55 -21.38 -7.56
N TYR C 130 3.13 -21.42 -6.35
CA TYR C 130 4.24 -20.53 -6.05
C TYR C 130 5.42 -20.81 -6.98
N LEU C 131 5.72 -22.09 -7.22
CA LEU C 131 6.79 -22.47 -8.16
C LEU C 131 6.51 -21.97 -9.57
N HIS C 132 5.28 -22.16 -10.05
CA HIS C 132 4.94 -21.77 -11.41
C HIS C 132 4.89 -20.26 -11.59
N THR C 133 4.69 -19.49 -10.53
CA THR C 133 4.70 -18.04 -10.66
C THR C 133 5.95 -17.42 -10.07
N PHE C 134 6.96 -18.22 -9.75
CA PHE C 134 8.19 -17.72 -9.14
C PHE C 134 8.81 -16.64 -10.01
N PRO C 135 9.17 -15.49 -9.44
CA PRO C 135 9.65 -14.36 -10.25
C PRO C 135 10.87 -14.72 -11.08
N GLY C 136 11.00 -14.04 -12.22
CA GLY C 136 12.05 -14.34 -13.16
C GLY C 136 11.80 -15.63 -13.90
N ARG C 137 12.38 -16.72 -13.40
CA ARG C 137 12.28 -18.03 -14.04
C ARG C 137 11.29 -18.89 -13.28
N SER C 138 10.20 -19.26 -13.96
CA SER C 138 9.22 -20.15 -13.35
C SER C 138 9.81 -21.55 -13.21
N VAL C 139 9.59 -22.15 -12.05
CA VAL C 139 10.12 -23.47 -11.73
C VAL C 139 9.09 -24.52 -12.12
N ILE C 140 9.52 -25.48 -12.94
CA ILE C 140 8.74 -26.69 -13.22
C ILE C 140 9.22 -27.78 -12.28
N HIS C 141 8.30 -28.40 -11.55
CA HIS C 141 8.72 -29.42 -10.60
C HIS C 141 9.25 -30.66 -11.32
N ARG C 142 8.49 -31.18 -12.28
CA ARG C 142 8.86 -32.26 -13.21
C ARG C 142 8.62 -33.66 -12.64
N ASP C 143 8.50 -33.81 -11.32
CA ASP C 143 8.17 -35.11 -10.75
C ASP C 143 7.14 -34.93 -9.63
N ILE C 144 6.03 -34.27 -9.95
CA ILE C 144 4.92 -34.16 -9.00
C ILE C 144 4.28 -35.53 -8.82
N LYS C 145 4.15 -35.97 -7.57
CA LYS C 145 3.55 -37.26 -7.26
C LYS C 145 3.28 -37.27 -5.76
N SER C 146 2.48 -38.25 -5.32
CA SER C 146 2.05 -38.24 -3.92
C SER C 146 3.20 -38.53 -2.95
N SER C 147 4.28 -39.19 -3.40
CA SER C 147 5.41 -39.34 -2.50
C SER C 147 6.24 -38.05 -2.35
N ASN C 148 6.03 -37.05 -3.19
CA ASN C 148 6.77 -35.79 -3.07
C ASN C 148 5.94 -34.72 -2.36
N ILE C 149 4.83 -35.11 -1.75
CA ILE C 149 4.05 -34.21 -0.90
C ILE C 149 4.21 -34.73 0.52
N LEU C 150 4.94 -33.97 1.33
CA LEU C 150 5.24 -34.35 2.70
C LEU C 150 4.35 -33.58 3.66
N LEU C 151 4.17 -34.14 4.84
CA LEU C 151 3.27 -33.62 5.85
C LEU C 151 4.06 -33.35 7.13
N ASP C 152 3.91 -32.15 7.69
CA ASP C 152 4.59 -31.79 8.91
C ASP C 152 3.74 -32.24 10.10
N HIS C 153 4.15 -31.86 11.32
CA HIS C 153 3.46 -32.31 12.53
C HIS C 153 1.98 -31.94 12.51
N SER C 154 1.64 -30.83 11.85
CA SER C 154 0.28 -30.32 11.78
C SER C 154 -0.50 -30.85 10.59
N MET C 155 0.04 -31.85 9.90
CA MET C 155 -0.57 -32.39 8.68
C MET C 155 -0.70 -31.31 7.59
N CME C 156 0.17 -30.31 7.65
CA CME C 156 0.26 -29.33 6.60
CB CME C 156 0.75 -27.95 7.08
SG CME C 156 -0.38 -27.18 8.21
SD CME C 156 -2.13 -26.69 7.13
CE CME C 156 -3.50 -27.61 7.74
CZ CME C 156 -3.39 -29.13 7.61
OH CME C 156 -3.07 -29.47 6.27
C CME C 156 1.21 -29.89 5.54
O CME C 156 2.29 -30.45 5.79
N ALA C 157 0.78 -29.72 4.30
CA ALA C 157 1.45 -30.27 3.13
C ALA C 157 2.62 -29.39 2.69
N LYS C 158 3.74 -30.01 2.33
CA LYS C 158 4.88 -29.29 1.78
C LYS C 158 5.42 -30.10 0.60
N VAL C 159 5.47 -29.48 -0.57
CA VAL C 159 6.01 -30.15 -1.75
C VAL C 159 7.52 -30.26 -1.61
N ALA C 160 8.05 -31.44 -1.91
CA ALA C 160 9.47 -31.70 -1.74
C ALA C 160 10.14 -31.97 -3.09
N ASN C 161 11.47 -31.88 -3.10
CA ASN C 161 12.32 -32.41 -4.19
C ASN C 161 12.13 -31.68 -5.52
N PHE C 162 11.99 -30.36 -5.46
CA PHE C 162 12.02 -29.49 -6.64
C PHE C 162 13.39 -28.85 -6.74
N GLY C 163 13.69 -28.31 -7.92
CA GLY C 163 14.96 -27.60 -8.00
C GLY C 163 15.36 -27.35 -9.45
N PHE C 164 16.68 -27.29 -9.64
CA PHE C 164 17.29 -27.06 -10.94
C PHE C 164 16.92 -25.70 -11.51
N ARG C 181 11.60 -39.72 -18.08
CA ARG C 181 11.10 -38.58 -17.30
C ARG C 181 9.87 -38.96 -16.49
N GLY C 182 9.65 -38.22 -15.39
CA GLY C 182 8.49 -38.43 -14.53
C GLY C 182 8.53 -39.77 -13.81
N THR C 183 7.35 -40.19 -13.39
CA THR C 183 7.16 -41.48 -12.73
C THR C 183 5.95 -42.15 -13.38
N ALA C 184 6.01 -43.49 -13.44
CA ALA C 184 4.93 -44.28 -14.03
C ALA C 184 3.61 -43.93 -13.35
N GLY C 185 2.63 -43.52 -14.14
CA GLY C 185 1.34 -43.10 -13.64
C GLY C 185 1.11 -41.61 -13.61
N TYR C 186 2.17 -40.81 -13.69
CA TYR C 186 2.08 -39.35 -13.57
C TYR C 186 2.49 -38.59 -14.81
N LEU C 187 3.02 -39.24 -15.83
CA LEU C 187 3.69 -38.54 -16.92
C LEU C 187 2.68 -37.90 -17.86
N ASP C 188 2.85 -36.61 -18.11
CA ASP C 188 2.03 -35.88 -19.07
C ASP C 188 1.95 -36.65 -20.38
N PRO C 189 0.76 -37.09 -20.81
CA PRO C 189 0.65 -37.88 -22.04
C PRO C 189 1.09 -37.14 -23.29
N GLU C 190 1.14 -35.82 -23.25
CA GLU C 190 1.67 -35.05 -24.36
C GLU C 190 3.18 -35.21 -24.48
N TYR C 191 3.86 -35.64 -23.42
CA TYR C 191 5.29 -35.90 -23.51
C TYR C 191 5.59 -37.01 -24.53
N TYR C 192 4.64 -37.94 -24.71
CA TYR C 192 4.81 -39.03 -25.67
C TYR C 192 5.06 -38.50 -27.08
N LYS C 193 4.50 -37.34 -27.41
CA LYS C 193 4.64 -36.76 -28.74
C LYS C 193 5.82 -35.80 -28.83
N THR C 194 5.91 -34.86 -27.90
CA THR C 194 6.87 -33.76 -27.92
C THR C 194 8.18 -34.09 -27.22
N GLN C 195 8.15 -34.95 -26.20
CA GLN C 195 9.31 -35.26 -25.37
C GLN C 195 9.87 -33.99 -24.72
N GLN C 196 8.98 -33.07 -24.39
CA GLN C 196 9.30 -31.90 -23.57
C GLN C 196 8.21 -31.74 -22.52
N LEU C 197 8.61 -31.35 -21.31
CA LEU C 197 7.69 -31.04 -20.24
C LEU C 197 7.45 -29.54 -20.16
N SER C 198 6.43 -29.15 -19.39
CA SER C 198 6.11 -27.74 -19.19
C SER C 198 5.44 -27.58 -17.83
N GLU C 199 5.13 -26.33 -17.47
CA GLU C 199 4.37 -26.11 -16.25
C GLU C 199 3.08 -26.89 -16.29
N LYS C 200 2.44 -26.96 -17.47
CA LYS C 200 1.22 -27.74 -17.57
C LYS C 200 1.46 -29.24 -17.41
N SER C 201 2.69 -29.72 -17.56
CA SER C 201 2.94 -31.13 -17.25
C SER C 201 2.77 -31.39 -15.76
N ASP C 202 3.29 -30.50 -14.91
CA ASP C 202 3.04 -30.58 -13.46
C ASP C 202 1.55 -30.66 -13.15
N VAL C 203 0.74 -29.93 -13.91
CA VAL C 203 -0.70 -29.89 -13.65
C VAL C 203 -1.34 -31.24 -13.94
N PHE C 204 -0.92 -31.90 -15.04
CA PHE C 204 -1.39 -33.25 -15.29
C PHE C 204 -1.09 -34.16 -14.11
N SER C 205 0.14 -34.10 -13.60
CA SER C 205 0.50 -35.02 -12.52
C SER C 205 -0.27 -34.70 -11.25
N PHE C 206 -0.51 -33.41 -10.98
CA PHE C 206 -1.33 -33.01 -9.85
C PHE C 206 -2.74 -33.58 -9.98
N GLY C 207 -3.28 -33.57 -11.20
CA GLY C 207 -4.55 -34.26 -11.46
C GLY C 207 -4.56 -35.71 -11.00
N VAL C 208 -3.48 -36.45 -11.27
CA VAL C 208 -3.39 -37.81 -10.74
C VAL C 208 -3.40 -37.78 -9.22
N VAL C 209 -2.60 -36.87 -8.62
CA VAL C 209 -2.54 -36.79 -7.17
C VAL C 209 -3.94 -36.55 -6.58
N LEU C 210 -4.75 -35.73 -7.24
CA LEU C 210 -6.10 -35.47 -6.76
C LEU C 210 -6.96 -36.73 -6.80
N LEU C 211 -6.83 -37.55 -7.85
CA LEU C 211 -7.57 -38.80 -7.87
C LEU C 211 -7.10 -39.76 -6.78
N GLU C 212 -5.81 -39.75 -6.44
CA GLU C 212 -5.31 -40.54 -5.30
C GLU C 212 -5.92 -40.09 -3.98
N ILE C 213 -5.95 -38.78 -3.77
CA ILE C 213 -6.56 -38.23 -2.56
C ILE C 213 -8.04 -38.61 -2.49
N VAL C 214 -8.73 -38.53 -3.63
CA VAL C 214 -10.16 -38.83 -3.64
C VAL C 214 -10.39 -40.32 -3.40
N SER C 215 -9.62 -41.18 -4.09
CA SER C 215 -9.89 -42.61 -4.14
C SER C 215 -9.16 -43.41 -3.09
N GLY C 216 -8.03 -42.90 -2.58
CA GLY C 216 -7.18 -43.72 -1.73
C GLY C 216 -6.39 -44.78 -2.47
N ARG C 217 -6.31 -44.70 -3.79
CA ARG C 217 -5.67 -45.73 -4.60
C ARG C 217 -4.41 -45.20 -5.26
N GLU C 218 -3.41 -46.07 -5.41
CA GLU C 218 -2.24 -45.68 -6.16
C GLU C 218 -2.58 -45.61 -7.65
N PRO C 219 -1.78 -44.88 -8.43
CA PRO C 219 -2.11 -44.74 -9.86
C PRO C 219 -2.14 -46.05 -10.64
N LEU C 220 -1.22 -46.97 -10.38
CA LEU C 220 -1.14 -48.21 -11.15
C LEU C 220 -1.07 -49.39 -10.20
N ASN C 221 -1.93 -50.39 -10.40
CA ASN C 221 -1.91 -51.55 -9.50
C ASN C 221 -2.41 -52.77 -10.27
N ILE C 222 -1.48 -53.63 -10.70
CA ILE C 222 -1.90 -54.81 -11.45
C ILE C 222 -2.62 -55.84 -10.58
N LYS C 223 -2.60 -55.70 -9.25
CA LYS C 223 -3.35 -56.60 -8.36
C LYS C 223 -4.85 -56.35 -8.37
N ARG C 224 -5.29 -55.16 -8.76
CA ARG C 224 -6.70 -54.83 -8.91
C ARG C 224 -7.26 -55.63 -10.09
N PRO C 225 -8.59 -55.66 -10.27
CA PRO C 225 -9.12 -56.24 -11.52
C PRO C 225 -8.66 -55.42 -12.71
N ARG C 226 -8.63 -56.06 -13.88
CA ARG C 226 -8.05 -55.44 -15.07
C ARG C 226 -8.67 -54.09 -15.38
N THR C 227 -10.00 -53.98 -15.30
CA THR C 227 -10.63 -52.69 -15.61
C THR C 227 -10.19 -51.60 -14.66
N GLU C 228 -9.61 -51.95 -13.51
CA GLU C 228 -9.15 -51.00 -12.50
C GLU C 228 -7.64 -50.90 -12.40
N TRP C 229 -6.88 -51.45 -13.36
CA TRP C 229 -5.43 -51.39 -13.27
C TRP C 229 -4.91 -49.95 -13.20
N SER C 230 -5.51 -49.05 -13.98
CA SER C 230 -5.04 -47.68 -14.15
C SER C 230 -6.07 -46.74 -13.51
N LEU C 231 -5.62 -45.97 -12.51
CA LEU C 231 -6.53 -45.12 -11.75
C LEU C 231 -7.23 -44.09 -12.63
N VAL C 232 -6.46 -43.38 -13.46
CA VAL C 232 -7.04 -42.34 -14.34
C VAL C 232 -8.10 -42.93 -15.26
N GLU C 233 -7.78 -44.04 -15.94
CA GLU C 233 -8.71 -44.60 -16.91
C GLU C 233 -9.92 -45.24 -16.24
N TRP C 234 -9.73 -45.78 -15.04
CA TRP C 234 -10.85 -46.35 -14.30
C TRP C 234 -11.77 -45.27 -13.74
N ALA C 235 -11.20 -44.21 -13.16
CA ALA C 235 -12.00 -43.24 -12.41
C ALA C 235 -12.74 -42.27 -13.34
N THR C 236 -12.09 -41.85 -14.43
CA THR C 236 -12.63 -40.81 -15.30
C THR C 236 -14.04 -41.09 -15.80
N PRO C 237 -14.40 -42.30 -16.25
CA PRO C 237 -15.79 -42.52 -16.70
C PRO C 237 -16.82 -42.42 -15.58
N TYR C 238 -16.43 -42.62 -14.32
CA TYR C 238 -17.37 -42.41 -13.22
C TYR C 238 -17.57 -40.93 -12.93
N ILE C 239 -16.52 -40.13 -13.11
CA ILE C 239 -16.63 -38.69 -12.94
C ILE C 239 -17.50 -38.10 -14.04
N ARG C 240 -17.30 -38.53 -15.29
CA ARG C 240 -18.12 -38.01 -16.38
C ARG C 240 -19.53 -38.58 -16.39
N GLY C 241 -19.74 -39.74 -15.77
CA GLY C 241 -21.04 -40.37 -15.72
C GLY C 241 -21.89 -40.01 -14.53
N SER C 242 -21.51 -38.98 -13.76
CA SER C 242 -22.27 -38.53 -12.59
C SER C 242 -22.41 -39.63 -11.54
N LYS C 243 -21.32 -40.36 -11.29
CA LYS C 243 -21.31 -41.42 -10.28
C LYS C 243 -19.99 -41.33 -9.51
N VAL C 244 -19.72 -40.15 -8.97
CA VAL C 244 -18.45 -39.91 -8.29
C VAL C 244 -18.29 -40.81 -7.08
N ASP C 245 -19.40 -41.13 -6.40
CA ASP C 245 -19.31 -41.95 -5.20
C ASP C 245 -18.70 -43.32 -5.47
N GLU C 246 -18.71 -43.79 -6.72
CA GLU C 246 -18.13 -45.09 -7.03
C GLU C 246 -16.62 -45.10 -6.86
N ILE C 247 -15.95 -43.96 -6.99
CA ILE C 247 -14.49 -43.92 -6.97
C ILE C 247 -13.92 -43.44 -5.64
N VAL C 248 -14.75 -43.01 -4.71
CA VAL C 248 -14.31 -42.43 -3.44
C VAL C 248 -13.80 -43.52 -2.51
N ASP C 249 -12.70 -43.24 -1.83
CA ASP C 249 -12.15 -44.06 -0.76
C ASP C 249 -13.26 -44.51 0.20
N PRO C 250 -13.44 -45.82 0.39
CA PRO C 250 -14.44 -46.29 1.35
C PRO C 250 -14.26 -45.70 2.74
N GLY C 251 -13.01 -45.38 3.12
CA GLY C 251 -12.77 -44.81 4.44
C GLY C 251 -13.34 -43.41 4.65
N ILE C 252 -13.69 -42.70 3.57
CA ILE C 252 -14.26 -41.36 3.71
C ILE C 252 -15.68 -41.26 3.18
N LYS C 253 -16.29 -42.37 2.74
CA LYS C 253 -17.67 -42.28 2.26
C LYS C 253 -18.58 -41.80 3.37
N GLY C 254 -19.47 -40.88 3.02
CA GLY C 254 -20.31 -40.25 4.02
C GLY C 254 -19.68 -39.10 4.75
N GLY C 255 -18.37 -38.86 4.57
CA GLY C 255 -17.72 -37.78 5.28
C GLY C 255 -17.41 -36.58 4.41
N TYR C 256 -18.03 -36.50 3.24
CA TYR C 256 -17.81 -35.36 2.36
C TYR C 256 -19.13 -34.68 2.02
N HIS C 257 -19.05 -33.36 1.82
CA HIS C 257 -20.14 -32.60 1.22
C HIS C 257 -20.15 -32.85 -0.29
N ALA C 258 -21.31 -33.18 -0.84
CA ALA C 258 -21.39 -33.62 -2.24
C ALA C 258 -20.80 -32.59 -3.19
N GLU C 259 -21.05 -31.30 -2.94
CA GLU C 259 -20.56 -30.27 -3.85
C GLU C 259 -19.06 -30.11 -3.73
N ALA C 260 -18.51 -30.27 -2.52
CA ALA C 260 -17.07 -30.11 -2.38
C ALA C 260 -16.35 -31.22 -3.12
N MET C 261 -16.83 -32.46 -3.00
CA MET C 261 -16.22 -33.57 -3.73
C MET C 261 -16.35 -33.38 -5.24
N TRP C 262 -17.53 -32.97 -5.72
CA TRP C 262 -17.74 -32.82 -7.15
C TRP C 262 -16.85 -31.74 -7.74
N ARG C 263 -16.61 -30.66 -7.00
CA ARG C 263 -15.76 -29.61 -7.55
C ARG C 263 -14.30 -30.06 -7.57
N VAL C 264 -13.87 -30.84 -6.57
CA VAL C 264 -12.50 -31.38 -6.59
C VAL C 264 -12.30 -32.32 -7.77
N VAL C 265 -13.25 -33.22 -8.04
CA VAL C 265 -13.02 -34.18 -9.13
C VAL C 265 -13.20 -33.54 -10.49
N GLU C 266 -13.97 -32.45 -10.58
CA GLU C 266 -14.05 -31.70 -11.83
C GLU C 266 -12.73 -30.99 -12.12
N VAL C 267 -12.09 -30.46 -11.07
CA VAL C 267 -10.74 -29.93 -11.19
C VAL C 267 -9.78 -31.01 -11.69
N ALA C 268 -9.81 -32.19 -11.07
CA ALA C 268 -8.91 -33.27 -11.48
C ALA C 268 -9.10 -33.61 -12.96
N LEU C 269 -10.37 -33.71 -13.41
CA LEU C 269 -10.66 -34.03 -14.80
C LEU C 269 -10.05 -33.02 -15.77
N GLN C 270 -10.15 -31.72 -15.44
CA GLN C 270 -9.54 -30.70 -16.28
CA GLN C 270 -9.54 -30.72 -16.31
C GLN C 270 -8.02 -30.82 -16.31
N CYS C 271 -7.42 -31.13 -15.15
CA CYS C 271 -5.96 -31.30 -15.09
C CYS C 271 -5.52 -32.46 -15.96
N LEU C 272 -6.38 -33.45 -16.14
CA LEU C 272 -6.03 -34.69 -16.82
C LEU C 272 -6.29 -34.62 -18.32
N GLU C 273 -6.70 -33.46 -18.82
CA GLU C 273 -6.81 -33.28 -20.27
C GLU C 273 -5.50 -33.68 -20.95
N PRO C 274 -5.55 -34.43 -22.05
CA PRO C 274 -4.31 -34.89 -22.69
C PRO C 274 -3.49 -33.78 -23.34
N PHE C 275 -4.07 -32.61 -23.56
CA PHE C 275 -3.36 -31.52 -24.19
C PHE C 275 -3.21 -30.36 -23.21
N SER C 276 -2.00 -29.78 -23.18
CA SER C 276 -1.65 -28.86 -22.11
C SER C 276 -2.52 -27.61 -22.09
N THR C 277 -2.90 -27.07 -23.26
CA THR C 277 -3.64 -25.79 -23.21
C THR C 277 -5.08 -25.95 -22.73
N TYR C 278 -5.57 -27.16 -22.49
CA TYR C 278 -6.91 -27.35 -21.95
C TYR C 278 -6.92 -27.52 -20.44
N ARG C 279 -5.76 -27.55 -19.81
CA ARG C 279 -5.64 -27.70 -18.37
C ARG C 279 -5.67 -26.34 -17.70
N PRO C 280 -6.14 -26.29 -16.46
CA PRO C 280 -6.12 -25.04 -15.69
C PRO C 280 -4.71 -24.71 -15.21
N SER C 281 -4.49 -23.42 -14.96
CA SER C 281 -3.28 -23.04 -14.23
C SER C 281 -3.39 -23.48 -12.77
N MET C 282 -2.23 -23.54 -12.10
CA MET C 282 -2.24 -23.83 -10.67
C MET C 282 -2.94 -22.73 -9.87
N VAL C 283 -2.82 -21.46 -10.30
CA VAL C 283 -3.52 -20.39 -9.60
C VAL C 283 -5.03 -20.61 -9.67
N ALA C 284 -5.54 -20.98 -10.84
CA ALA C 284 -6.97 -21.29 -10.95
C ALA C 284 -7.36 -22.51 -10.11
N ILE C 285 -6.48 -23.50 -10.02
CA ILE C 285 -6.75 -24.68 -9.20
C ILE C 285 -6.80 -24.32 -7.71
N VAL C 286 -5.88 -23.43 -7.26
CA VAL C 286 -5.92 -22.98 -5.87
C VAL C 286 -7.26 -22.34 -5.54
N ARG C 287 -7.79 -21.48 -6.44
CA ARG C 287 -9.04 -20.79 -6.14
C ARG C 287 -10.18 -21.77 -5.99
N GLU C 288 -10.23 -22.77 -6.88
CA GLU C 288 -11.31 -23.76 -6.85
C GLU C 288 -11.22 -24.65 -5.63
N LEU C 289 -10.00 -25.02 -5.20
CA LEU C 289 -9.87 -25.84 -4.00
C LEU C 289 -10.16 -25.05 -2.74
N GLU C 290 -9.81 -23.76 -2.72
CA GLU C 290 -10.23 -22.90 -1.62
C GLU C 290 -11.75 -22.87 -1.49
N ASP C 291 -12.46 -22.69 -2.61
CA ASP C 291 -13.93 -22.67 -2.55
C ASP C 291 -14.47 -24.03 -2.12
N ALA C 292 -13.87 -25.12 -2.60
CA ALA C 292 -14.33 -26.45 -2.20
C ALA C 292 -14.10 -26.69 -0.71
N LEU C 293 -12.99 -26.18 -0.17
CA LEU C 293 -12.72 -26.33 1.26
C LEU C 293 -13.71 -25.51 2.10
N ILE C 294 -14.08 -24.32 1.63
CA ILE C 294 -15.06 -23.52 2.37
C ILE C 294 -16.40 -24.24 2.39
N ILE C 295 -16.82 -24.74 1.22
CA ILE C 295 -18.08 -25.46 1.10
C ILE C 295 -18.10 -26.68 1.99
N GLU C 296 -16.97 -27.39 2.09
CA GLU C 296 -16.90 -28.54 2.99
C GLU C 296 -17.04 -28.10 4.44
N ASN C 297 -16.47 -26.95 4.79
CA ASN C 297 -16.57 -26.52 6.18
C ASN C 297 -17.98 -26.05 6.56
N ASN C 298 -18.89 -25.91 5.61
CA ASN C 298 -20.25 -25.45 5.95
C ASN C 298 -21.22 -26.59 6.21
S SO4 D . 12.87 29.49 -5.73
O1 SO4 D . 12.92 30.23 -7.00
O2 SO4 D . 12.25 30.31 -4.71
O3 SO4 D . 12.10 28.26 -5.92
O4 SO4 D . 14.24 29.14 -5.34
S SO4 E . -1.38 -0.06 14.70
O1 SO4 E . -1.42 1.26 14.07
O2 SO4 E . -2.15 -0.02 15.94
O3 SO4 E . -1.94 -1.07 13.80
O4 SO4 E . 0.00 -0.42 15.01
S SO4 F . 16.35 26.73 -1.97
O1 SO4 F . 16.43 27.46 -3.23
O2 SO4 F . 15.95 27.65 -0.90
O3 SO4 F . 15.34 25.67 -2.08
O4 SO4 F . 17.65 26.13 -1.66
S SO4 G . 3.04 12.78 -6.18
O1 SO4 G . 3.53 13.40 -4.95
O2 SO4 G . 1.65 13.16 -6.43
O3 SO4 G . 3.83 13.26 -7.31
O4 SO4 G . 3.12 11.34 -6.06
S SO4 H . 6.17 20.68 -13.28
O1 SO4 H . 5.85 22.10 -13.35
O2 SO4 H . 5.11 19.88 -13.90
O3 SO4 H . 6.30 20.27 -11.88
O4 SO4 H . 7.44 20.46 -13.98
S SO4 I . 7.30 6.60 -25.77
O1 SO4 I . 6.96 7.73 -26.61
O2 SO4 I . 7.22 7.01 -24.37
O3 SO4 I . 8.66 6.15 -26.08
O4 SO4 I . 6.36 5.51 -25.99
S SO4 J . 4.76 2.81 3.62
O1 SO4 J . 5.13 4.21 3.64
O2 SO4 J . 3.76 2.59 4.65
O3 SO4 J . 4.17 2.43 2.33
O4 SO4 J . 5.93 1.99 3.92
S SO4 K . 0.01 -1.50 -19.45
O1 SO4 K . -0.52 -0.15 -19.55
O2 SO4 K . 0.18 -1.87 -18.05
O3 SO4 K . 1.31 -1.56 -20.13
O4 SO4 K . -0.92 -2.43 -20.09
C1 EDO L . 14.03 19.54 11.35
O1 EDO L . 14.40 20.91 11.17
C2 EDO L . 12.68 19.47 12.04
O2 EDO L . 12.66 20.45 13.10
C1 EDO M . 33.97 7.20 -15.42
O1 EDO M . 32.90 7.18 -16.37
C2 EDO M . 33.55 6.41 -14.20
O2 EDO M . 33.32 5.05 -14.58
S SO4 N . -9.17 17.99 32.98
O1 SO4 N . -9.56 19.11 32.14
O2 SO4 N . -10.36 17.35 33.53
O3 SO4 N . -8.43 17.01 32.18
O4 SO4 N . -8.30 18.46 34.06
S SO4 O . -26.91 22.54 17.58
O1 SO4 O . -26.30 23.83 17.27
O2 SO4 O . -28.31 22.53 17.15
O3 SO4 O . -26.79 22.31 19.01
O4 SO4 O . -26.23 21.47 16.85
S SO4 P . -18.24 30.12 20.05
O1 SO4 P . -19.04 31.34 19.93
O2 SO4 P . -17.74 30.00 21.42
O3 SO4 P . -17.12 30.19 19.12
O4 SO4 P . -19.09 28.98 19.73
C1 EDO Q . -16.78 9.62 26.64
O1 EDO Q . -16.07 10.64 25.93
C2 EDO Q . -16.03 8.32 26.48
O2 EDO Q . -15.58 8.22 25.13
C1 EDO R . -9.04 15.23 -4.84
O1 EDO R . -8.52 16.56 -4.72
C2 EDO R . -10.26 15.08 -3.93
O2 EDO R . -11.20 16.11 -4.23
C1 EDO S . -2.10 48.84 19.95
O1 EDO S . -3.53 48.76 19.89
C2 EDO S . -1.64 48.12 21.21
O2 EDO S . -2.57 48.44 22.26
C1 EDO T . -2.61 10.00 1.77
O1 EDO T . -1.63 11.01 2.10
C2 EDO T . -2.50 9.68 0.28
O2 EDO T . -3.68 8.96 -0.12
C1 EDO U . -10.63 46.74 24.36
O1 EDO U . -9.46 46.33 23.63
C2 EDO U . -10.99 48.17 23.96
O2 EDO U . -11.57 48.18 22.66
S SO4 V . 1.34 -42.53 13.20
O1 SO4 V . 0.56 -41.31 13.01
O2 SO4 V . 1.68 -42.66 14.61
O3 SO4 V . 0.56 -43.69 12.78
O4 SO4 V . 2.57 -42.46 12.40
S SO4 W . -16.31 -42.03 -21.07
O1 SO4 W . -16.81 -40.98 -20.18
O2 SO4 W . -16.64 -41.68 -22.45
O3 SO4 W . -16.96 -43.31 -20.73
O4 SO4 W . -14.87 -42.15 -20.92
S SO4 X . 7.22 -43.62 -5.84
O1 SO4 X . 7.91 -42.34 -5.80
O2 SO4 X . 5.92 -43.49 -6.51
O3 SO4 X . 7.03 -44.11 -4.48
O4 SO4 X . 8.05 -44.57 -6.60
S SO4 Y . -1.26 -60.44 -14.75
O1 SO4 Y . -1.06 -59.94 -13.38
O2 SO4 Y . -2.69 -60.56 -15.03
O3 SO4 Y . -0.68 -59.51 -15.72
O4 SO4 Y . -0.61 -61.75 -14.92
C1 EDO Z . -5.53 -18.31 -14.99
O1 EDO Z . -6.35 -18.97 -15.95
C2 EDO Z . -6.44 -17.52 -14.05
O2 EDO Z . -5.64 -16.59 -13.30
C1 EDO AA . -7.16 -29.68 8.44
O1 EDO AA . -8.12 -29.60 7.39
C2 EDO AA . -7.33 -31.02 9.15
O2 EDO AA . -8.71 -31.24 9.47
#